data_1KIT
#
_entry.id   1KIT
#
_cell.length_a   72.300
_cell.length_b   78.900
_cell.length_c   164.500
_cell.angle_alpha   90.00
_cell.angle_beta   90.00
_cell.angle_gamma   90.00
#
_symmetry.space_group_name_H-M   'P 21 21 21'
#
loop_
_entity.id
_entity.type
_entity.pdbx_description
1 polymer SIALIDASE
2 non-polymer 'CALCIUM ION'
3 water water
#
_entity_poly.entity_id   1
_entity_poly.type   'polypeptide(L)'
_entity_poly.pdbx_seq_one_letter_code
;ALFDYNATGDTEFDSPAKQGWMQDNTNNGSGVLTNADGMPAWLVQGIGGRAQWTYSLSTNQHAQASSFGWRMTTEMKVLS
GGMITNYYANGTQRVLPIISLDSSGNLVVEFEGQTGRTVLATGTAATEYHKFELVFLPGSNPSASFYFDGKLIRDNIQPT
ASKQNMIVWGNGSSNTDGVAAYRDIKFEIQGDVIFRGPDRIPSIVASSVTPGVVTAFAEKRVGGGDPGALSNTNDIITRT
SRDGGITWDTELNLTEQINVSDEFDFSDPRPIYDPSSNTVLVSYARWPTDAAQNGDRIKPWMPNGIFYSVYDVASGNWQA
PIDVTDQVKERSFQIAGWGGSELYRRNTSLNSQQDWQSNAKIRIVDGAANQIQVADGSRKYVVTLSIDESGGLVANLNGV
SAPIILQSEHAKVHSFHDYELQYSALNHTTTLFVDGQQITTWAGEVSQENNIQFGNADAQIDGRLHVQKIVLTQQGHNLV
EFDAFYLAQQTPEVEKDLEKLGWTKIKTGNTMSLYGNASVNPGPGHGITLTRQQNISGSQNGRLIYPAIVLDRFFLNVMS
IYSDDGGSNWQTGSTLPIPFRWKSSSILETLEPSEADMVELQNGDLLLTARLDFNQIVNGVNYSPRQQFLSKDGGITWSL
LEANNANVFSNISTGTVDASITRFEQSDGSHFLLFTNPQGNPAGTNGRQNLGLWFSFDEGVTWKGPIQLVNGASAYSDIY
QLDSENAIVIVETDNSNMRILRMPITLLKQKLTLSQN
;
_entity_poly.pdbx_strand_id   A
#
loop_
_chem_comp.id
_chem_comp.type
_chem_comp.name
_chem_comp.formula
CA non-polymer 'CALCIUM ION' 'Ca 2'
#
# COMPACT_ATOMS: atom_id res chain seq x y z
N ALA A 1 -15.77 -2.15 19.35
CA ALA A 1 -16.39 -3.11 20.27
C ALA A 1 -17.86 -3.41 19.92
N LEU A 2 -18.23 -4.69 20.05
CA LEU A 2 -19.58 -5.14 19.75
C LEU A 2 -20.47 -5.30 21.00
N PHE A 3 -21.77 -5.18 20.79
CA PHE A 3 -22.76 -5.29 21.84
C PHE A 3 -24.00 -5.74 21.07
N ASP A 4 -24.43 -6.96 21.27
CA ASP A 4 -25.53 -7.44 20.49
C ASP A 4 -26.34 -8.45 21.27
N TYR A 5 -27.39 -8.93 20.62
CA TYR A 5 -28.26 -10.00 21.12
C TYR A 5 -28.64 -10.76 19.85
N ASN A 6 -28.96 -12.05 19.97
CA ASN A 6 -29.47 -12.83 18.85
C ASN A 6 -30.22 -14.11 19.24
N ALA A 7 -31.21 -14.48 18.42
CA ALA A 7 -32.06 -15.65 18.66
C ALA A 7 -31.37 -17.01 18.46
N THR A 8 -30.82 -17.54 19.54
CA THR A 8 -30.12 -18.83 19.47
C THR A 8 -31.02 -20.06 19.38
N GLY A 9 -32.32 -19.90 19.68
CA GLY A 9 -33.24 -21.03 19.60
C GLY A 9 -33.44 -21.72 20.96
N ASP A 10 -32.38 -21.93 21.72
CA ASP A 10 -32.49 -22.60 23.01
C ASP A 10 -33.30 -21.76 24.00
N THR A 11 -33.73 -22.38 25.09
CA THR A 11 -34.50 -21.67 26.10
C THR A 11 -33.65 -20.72 26.91
N GLU A 12 -33.14 -21.23 28.03
CA GLU A 12 -32.39 -20.44 28.98
C GLU A 12 -31.59 -19.27 28.46
N PHE A 13 -30.84 -19.47 27.38
CA PHE A 13 -29.95 -18.43 26.87
C PHE A 13 -30.37 -17.51 25.74
N ASP A 14 -31.60 -17.64 25.25
CA ASP A 14 -32.04 -16.78 24.15
C ASP A 14 -32.58 -15.46 24.69
N SER A 15 -32.73 -15.44 26.01
CA SER A 15 -33.21 -14.28 26.76
C SER A 15 -32.16 -13.16 26.75
N PRO A 16 -32.60 -11.98 26.32
CA PRO A 16 -31.73 -10.80 26.27
C PRO A 16 -31.09 -10.58 27.63
N ALA A 17 -31.75 -11.08 28.66
CA ALA A 17 -31.22 -10.96 30.02
C ALA A 17 -30.07 -11.96 30.22
N LYS A 18 -29.72 -12.68 29.17
CA LYS A 18 -28.63 -13.65 29.28
C LYS A 18 -27.48 -13.02 28.55
N GLN A 19 -27.81 -12.44 27.43
CA GLN A 19 -26.86 -11.79 26.59
C GLN A 19 -26.48 -10.40 27.09
N GLY A 20 -26.46 -10.19 28.41
CA GLY A 20 -26.06 -8.88 28.97
C GLY A 20 -27.04 -7.66 29.03
N TRP A 21 -28.15 -7.71 28.32
CA TRP A 21 -29.12 -6.59 28.32
C TRP A 21 -29.99 -6.43 29.58
N MET A 22 -30.64 -5.28 29.68
CA MET A 22 -31.47 -4.98 30.84
C MET A 22 -32.92 -4.88 30.43
N GLN A 23 -33.78 -5.25 31.38
CA GLN A 23 -35.23 -5.16 31.20
C GLN A 23 -35.70 -3.79 31.60
N ASP A 24 -36.60 -3.19 30.81
CA ASP A 24 -37.10 -1.86 31.16
C ASP A 24 -38.53 -1.70 30.72
N ASN A 25 -39.43 -2.47 31.36
CA ASN A 25 -40.85 -2.44 31.04
C ASN A 25 -41.72 -1.83 32.10
N THR A 26 -42.96 -1.55 31.71
CA THR A 26 -43.97 -1.00 32.59
C THR A 26 -45.25 -1.83 32.36
N ASN A 27 -45.90 -2.25 33.46
CA ASN A 27 -47.14 -3.08 33.45
C ASN A 27 -47.71 -3.53 32.11
N ASN A 28 -48.01 -4.82 32.00
CA ASN A 28 -48.55 -5.44 30.78
C ASN A 28 -47.40 -5.57 29.74
N GLY A 29 -46.44 -4.65 29.82
CA GLY A 29 -45.29 -4.65 28.90
C GLY A 29 -44.54 -5.94 29.10
N SER A 30 -44.55 -6.81 28.08
CA SER A 30 -43.91 -8.14 28.18
C SER A 30 -43.04 -8.52 27.01
N GLY A 31 -42.38 -9.66 27.16
CA GLY A 31 -41.50 -10.17 26.14
C GLY A 31 -41.42 -11.69 26.21
N VAL A 32 -41.09 -12.30 25.09
CA VAL A 32 -41.01 -13.74 25.09
C VAL A 32 -40.41 -14.31 23.83
N LEU A 33 -39.72 -15.43 23.96
CA LEU A 33 -39.15 -16.05 22.79
C LEU A 33 -40.23 -16.66 21.88
N THR A 34 -40.30 -16.18 20.65
CA THR A 34 -41.21 -16.77 19.68
C THR A 34 -40.38 -17.47 18.60
N ASN A 35 -40.98 -18.46 17.94
CA ASN A 35 -40.26 -19.19 16.90
C ASN A 35 -41.23 -19.53 15.76
N ALA A 36 -41.99 -18.54 15.31
CA ALA A 36 -42.96 -18.72 14.23
C ALA A 36 -42.38 -19.47 13.05
N ASP A 37 -43.00 -20.59 12.69
CA ASP A 37 -42.49 -21.40 11.59
C ASP A 37 -40.98 -21.56 11.63
N GLY A 38 -40.43 -21.78 12.82
CA GLY A 38 -38.99 -21.95 12.98
C GLY A 38 -38.20 -20.63 12.96
N MET A 39 -38.91 -19.51 13.10
CA MET A 39 -38.28 -18.20 13.12
C MET A 39 -37.97 -17.83 14.59
N PRO A 40 -36.79 -18.19 15.08
CA PRO A 40 -36.41 -17.85 16.43
C PRO A 40 -36.19 -16.35 16.60
N ALA A 41 -36.74 -15.78 17.67
CA ALA A 41 -36.60 -14.36 17.93
C ALA A 41 -37.21 -13.94 19.23
N TRP A 42 -36.92 -12.71 19.63
CA TRP A 42 -37.48 -12.19 20.83
C TRP A 42 -38.64 -11.31 20.48
N LEU A 43 -39.80 -11.66 21.01
CA LEU A 43 -40.96 -10.88 20.75
C LEU A 43 -41.07 -9.87 21.85
N VAL A 44 -41.16 -8.62 21.45
CA VAL A 44 -41.31 -7.52 22.40
C VAL A 44 -42.80 -7.24 22.40
N GLN A 45 -43.38 -7.10 23.59
CA GLN A 45 -44.82 -6.84 23.68
C GLN A 45 -45.14 -5.58 24.48
N GLY A 46 -45.26 -4.49 23.74
CA GLY A 46 -45.55 -3.20 24.33
C GLY A 46 -47.04 -2.94 24.25
N ILE A 47 -47.79 -3.91 24.70
CA ILE A 47 -49.19 -3.70 24.78
C ILE A 47 -49.44 -3.16 26.19
N GLY A 48 -50.08 -1.99 26.26
CA GLY A 48 -50.43 -1.37 27.54
C GLY A 48 -49.24 -1.34 28.51
N GLY A 49 -48.11 -0.82 28.04
CA GLY A 49 -46.88 -0.68 28.85
C GLY A 49 -45.67 -0.73 27.92
N ARG A 50 -44.54 -0.20 28.36
CA ARG A 50 -43.33 -0.24 27.52
C ARG A 50 -42.59 -1.48 27.80
N ALA A 51 -42.03 -2.06 26.75
CA ALA A 51 -41.25 -3.27 26.84
C ALA A 51 -40.04 -2.82 26.04
N GLN A 52 -38.90 -2.74 26.69
CA GLN A 52 -37.70 -2.29 26.01
C GLN A 52 -36.41 -2.72 26.69
N TRP A 53 -35.42 -3.08 25.87
CA TRP A 53 -34.12 -3.50 26.38
C TRP A 53 -33.05 -2.43 26.24
N THR A 54 -32.35 -2.24 27.34
CA THR A 54 -31.29 -1.27 27.44
C THR A 54 -29.97 -1.92 27.73
N TYR A 55 -28.94 -1.12 27.57
CA TYR A 55 -27.59 -1.55 27.82
C TYR A 55 -26.89 -0.23 28.10
N SER A 56 -26.09 -0.21 29.17
CA SER A 56 -25.39 1.01 29.64
C SER A 56 -23.84 0.98 29.45
N LEU A 57 -23.31 1.96 28.73
CA LEU A 57 -21.88 2.05 28.46
C LEU A 57 -21.12 2.98 29.40
N SER A 58 -19.80 2.98 29.27
CA SER A 58 -18.95 3.82 30.11
C SER A 58 -18.66 5.16 29.42
N THR A 59 -18.16 6.11 30.18
CA THR A 59 -17.87 7.40 29.57
C THR A 59 -16.88 7.27 28.45
N ASN A 60 -15.85 6.47 28.69
CA ASN A 60 -14.79 6.23 27.70
C ASN A 60 -15.34 5.56 26.46
N GLN A 61 -16.34 4.71 26.65
CA GLN A 61 -16.98 4.02 25.54
C GLN A 61 -17.72 5.00 24.63
N HIS A 62 -18.36 6.01 25.22
CA HIS A 62 -19.10 7.01 24.43
C HIS A 62 -18.07 7.90 23.73
N ALA A 63 -16.97 8.16 24.41
CA ALA A 63 -15.87 8.97 23.87
C ALA A 63 -15.33 8.26 22.64
N GLN A 64 -15.08 6.98 22.79
CA GLN A 64 -14.61 6.25 21.67
C GLN A 64 -15.64 6.38 20.59
N ALA A 65 -16.92 6.30 20.98
CA ALA A 65 -18.01 6.37 20.00
C ALA A 65 -18.00 7.69 19.27
N SER A 66 -17.61 8.74 19.98
CA SER A 66 -17.60 10.06 19.38
C SER A 66 -16.40 10.25 18.52
N SER A 67 -15.30 9.61 18.91
CA SER A 67 -14.01 9.74 18.17
C SER A 67 -13.95 9.02 16.86
N PHE A 68 -14.37 7.75 16.86
CA PHE A 68 -14.31 6.87 15.69
C PHE A 68 -15.68 6.46 15.10
N GLY A 69 -16.75 6.70 15.87
CA GLY A 69 -18.13 6.43 15.41
C GLY A 69 -18.72 5.11 15.88
N TRP A 70 -19.94 4.82 15.41
CA TRP A 70 -20.65 3.59 15.74
C TRP A 70 -21.65 3.28 14.65
N ARG A 71 -22.23 2.10 14.73
CA ARG A 71 -23.20 1.65 13.75
C ARG A 71 -24.19 0.76 14.50
N MET A 72 -25.47 0.90 14.21
CA MET A 72 -26.47 0.03 14.84
C MET A 72 -27.18 -0.76 13.80
N THR A 73 -27.28 -2.05 14.07
CA THR A 73 -27.89 -2.96 13.15
C THR A 73 -28.94 -3.83 13.83
N THR A 74 -30.16 -3.72 13.31
CA THR A 74 -31.30 -4.44 13.84
C THR A 74 -32.08 -5.16 12.76
N GLU A 75 -32.31 -6.45 12.98
CA GLU A 75 -33.08 -7.30 12.09
C GLU A 75 -34.36 -7.64 12.82
N MET A 76 -35.45 -6.98 12.48
CA MET A 76 -36.67 -7.25 13.19
C MET A 76 -37.93 -7.33 12.38
N LYS A 77 -39.02 -7.66 13.06
CA LYS A 77 -40.32 -7.77 12.46
C LYS A 77 -41.33 -6.99 13.33
N VAL A 78 -41.87 -5.90 12.77
CA VAL A 78 -42.83 -5.03 13.46
C VAL A 78 -44.23 -5.58 13.29
N LEU A 79 -44.69 -6.25 14.34
CA LEU A 79 -45.93 -6.97 14.33
C LEU A 79 -47.15 -6.13 14.47
N SER A 80 -47.04 -5.03 15.20
CA SER A 80 -48.16 -4.15 15.36
C SER A 80 -47.79 -2.98 16.23
N GLY A 81 -48.55 -1.92 16.12
CA GLY A 81 -48.37 -0.77 16.98
C GLY A 81 -47.45 0.34 16.54
N GLY A 82 -46.60 0.75 17.44
CA GLY A 82 -45.70 1.82 17.13
C GLY A 82 -44.69 2.09 18.21
N MET A 83 -44.09 3.27 18.15
CA MET A 83 -43.08 3.67 19.07
C MET A 83 -42.05 2.55 19.28
N ILE A 84 -41.64 1.92 18.17
CA ILE A 84 -40.60 0.93 18.25
C ILE A 84 -39.37 1.79 18.19
N THR A 85 -38.62 1.72 19.27
CA THR A 85 -37.46 2.59 19.51
C THR A 85 -36.16 1.81 19.66
N ASN A 86 -35.33 1.82 18.62
CA ASN A 86 -34.04 1.12 18.62
C ASN A 86 -33.05 2.25 18.41
N TYR A 87 -32.21 2.48 19.39
CA TYR A 87 -31.35 3.61 19.28
C TYR A 87 -30.28 3.64 20.31
N TYR A 88 -29.43 4.64 20.12
CA TYR A 88 -28.31 4.85 20.96
C TYR A 88 -28.40 6.22 21.51
N ALA A 89 -27.86 6.36 22.69
CA ALA A 89 -27.80 7.62 23.37
C ALA A 89 -26.59 7.75 24.29
N ASN A 90 -26.10 8.99 24.36
CA ASN A 90 -24.98 9.36 25.25
C ASN A 90 -25.56 10.55 26.02
N GLY A 91 -25.09 10.73 27.24
CA GLY A 91 -25.59 11.80 28.12
C GLY A 91 -25.99 13.19 27.57
N THR A 92 -25.85 13.45 26.28
CA THR A 92 -26.21 14.78 25.78
C THR A 92 -26.98 14.83 24.49
N GLN A 93 -26.97 13.75 23.74
CA GLN A 93 -27.70 13.73 22.51
C GLN A 93 -27.99 12.29 22.16
N ARG A 94 -28.93 12.13 21.23
CA ARG A 94 -29.28 10.82 20.74
C ARG A 94 -29.77 10.93 19.33
N VAL A 95 -29.88 9.77 18.67
CA VAL A 95 -30.41 9.69 17.34
C VAL A 95 -31.60 8.76 17.44
N LEU A 96 -32.79 9.29 17.21
CA LEU A 96 -34.00 8.50 17.42
C LEU A 96 -35.02 8.27 16.30
N PRO A 97 -34.80 7.20 15.54
CA PRO A 97 -35.73 6.82 14.49
C PRO A 97 -36.90 6.08 15.14
N ILE A 98 -38.10 6.45 14.74
CA ILE A 98 -39.29 5.79 15.26
C ILE A 98 -39.96 4.98 14.20
N ILE A 99 -39.93 3.69 14.47
CA ILE A 99 -40.43 2.66 13.62
C ILE A 99 -41.82 2.22 14.05
N SER A 100 -42.79 2.39 13.15
CA SER A 100 -44.16 2.01 13.43
C SER A 100 -45.01 1.73 12.18
N LEU A 101 -46.23 1.25 12.42
CA LEU A 101 -47.15 0.97 11.33
C LEU A 101 -48.25 2.04 11.33
N ASP A 102 -48.53 2.62 10.16
CA ASP A 102 -49.53 3.66 10.04
C ASP A 102 -50.91 3.04 10.05
N SER A 103 -51.93 3.89 10.13
CA SER A 103 -53.31 3.41 10.18
C SER A 103 -53.59 2.52 9.01
N SER A 104 -52.87 2.74 7.92
CA SER A 104 -53.05 1.95 6.69
C SER A 104 -52.17 0.69 6.65
N GLY A 105 -51.58 0.34 7.79
CA GLY A 105 -50.76 -0.87 7.87
C GLY A 105 -49.31 -0.81 7.34
N ASN A 106 -49.00 0.18 6.50
CA ASN A 106 -47.62 0.25 6.00
C ASN A 106 -46.61 0.57 7.11
N LEU A 107 -45.45 -0.03 6.98
CA LEU A 107 -44.35 0.23 7.86
C LEU A 107 -43.74 1.57 7.41
N VAL A 108 -43.49 2.46 8.37
CA VAL A 108 -43.00 3.81 8.07
C VAL A 108 -41.93 4.30 9.04
N VAL A 109 -41.27 5.39 8.67
CA VAL A 109 -40.20 5.96 9.51
C VAL A 109 -40.37 7.43 9.67
N GLU A 110 -39.95 7.89 10.84
CA GLU A 110 -39.95 9.30 11.19
C GLU A 110 -38.83 9.55 12.25
N PHE A 111 -38.09 10.63 12.10
CA PHE A 111 -37.01 10.91 13.02
C PHE A 111 -37.26 12.09 13.95
N GLU A 112 -36.82 11.94 15.19
CA GLU A 112 -37.00 13.00 16.15
C GLU A 112 -36.47 14.32 15.62
N GLY A 113 -37.15 15.40 15.99
CA GLY A 113 -36.75 16.75 15.58
C GLY A 113 -36.63 16.96 14.06
N GLN A 114 -37.04 15.96 13.29
CA GLN A 114 -36.94 16.01 11.82
C GLN A 114 -38.26 15.95 11.11
N THR A 115 -38.56 16.96 10.30
CA THR A 115 -39.80 16.94 9.53
C THR A 115 -39.75 15.78 8.51
N GLY A 116 -40.92 15.28 8.08
CA GLY A 116 -40.98 14.23 7.06
C GLY A 116 -41.25 12.81 7.58
N ARG A 117 -42.02 12.04 6.80
CA ARG A 117 -42.35 10.65 7.15
C ARG A 117 -42.07 9.76 5.95
N THR A 118 -41.34 8.68 6.12
CA THR A 118 -41.06 7.85 4.95
C THR A 118 -41.51 6.39 5.04
N VAL A 119 -42.23 5.95 4.02
CA VAL A 119 -42.73 4.59 4.01
C VAL A 119 -41.64 3.66 3.67
N LEU A 120 -41.39 2.71 4.55
CA LEU A 120 -40.35 1.74 4.31
C LEU A 120 -40.80 0.66 3.35
N ALA A 121 -41.98 0.13 3.62
CA ALA A 121 -42.57 -0.93 2.83
C ALA A 121 -44.06 -0.81 2.95
N THR A 122 -44.78 -1.56 2.15
CA THR A 122 -46.22 -1.53 2.17
C THR A 122 -46.66 -2.96 2.02
N GLY A 123 -47.95 -3.21 2.13
CA GLY A 123 -48.42 -4.55 1.89
C GLY A 123 -47.95 -5.48 2.97
N THR A 124 -47.64 -6.72 2.56
CA THR A 124 -47.20 -7.78 3.46
C THR A 124 -45.70 -7.79 3.69
N ALA A 125 -45.01 -6.77 3.21
CA ALA A 125 -43.57 -6.70 3.42
C ALA A 125 -43.42 -5.99 4.71
N ALA A 126 -44.42 -5.14 4.97
CA ALA A 126 -44.50 -4.31 6.16
C ALA A 126 -44.46 -5.08 7.49
N THR A 127 -44.73 -6.38 7.44
CA THR A 127 -44.66 -7.21 8.63
C THR A 127 -43.62 -8.29 8.44
N GLU A 128 -42.85 -8.17 7.37
CA GLU A 128 -41.77 -9.11 7.15
C GLU A 128 -40.56 -8.62 7.99
N TYR A 129 -39.54 -9.45 8.08
CA TYR A 129 -38.34 -9.10 8.82
C TYR A 129 -37.54 -8.26 7.87
N HIS A 130 -36.79 -7.32 8.42
CA HIS A 130 -36.00 -6.41 7.59
C HIS A 130 -34.77 -6.00 8.30
N LYS A 131 -33.82 -5.48 7.53
CA LYS A 131 -32.54 -5.00 8.08
C LYS A 131 -32.64 -3.50 8.27
N PHE A 132 -32.27 -3.04 9.47
CA PHE A 132 -32.32 -1.62 9.81
C PHE A 132 -30.96 -1.16 10.32
N GLU A 133 -30.37 -0.20 9.63
CA GLU A 133 -29.04 0.31 9.97
C GLU A 133 -28.90 1.81 10.21
N LEU A 134 -28.29 2.13 11.32
CA LEU A 134 -28.04 3.50 11.70
C LEU A 134 -26.54 3.60 11.64
N VAL A 135 -26.03 4.56 10.89
CA VAL A 135 -24.59 4.73 10.75
C VAL A 135 -24.15 6.17 11.14
N PHE A 136 -23.23 6.25 12.11
CA PHE A 136 -22.70 7.54 12.59
C PHE A 136 -21.24 7.83 12.24
N LEU A 137 -21.04 8.95 11.56
CA LEU A 137 -19.72 9.41 11.20
C LEU A 137 -19.30 10.62 12.05
N PRO A 138 -18.22 10.45 12.77
CA PRO A 138 -17.70 11.49 13.64
C PRO A 138 -17.20 12.65 12.80
N GLY A 139 -17.44 13.84 13.29
CA GLY A 139 -17.05 15.09 12.63
C GLY A 139 -17.30 16.27 13.59
N SER A 140 -16.80 17.45 13.25
CA SER A 140 -17.02 18.60 14.09
C SER A 140 -18.50 18.81 13.91
N ASN A 141 -18.92 18.65 12.64
CA ASN A 141 -20.33 18.71 12.23
C ASN A 141 -20.75 17.27 11.90
N PRO A 142 -21.04 16.48 12.94
CA PRO A 142 -21.39 15.09 12.76
C PRO A 142 -22.74 14.85 12.04
N SER A 143 -23.14 13.59 12.04
CA SER A 143 -24.36 13.15 11.43
C SER A 143 -24.39 11.64 11.42
N ALA A 144 -25.53 11.10 11.02
CA ALA A 144 -25.76 9.67 10.90
C ALA A 144 -26.73 9.46 9.78
N SER A 145 -26.76 8.25 9.30
CA SER A 145 -27.58 7.90 8.17
C SER A 145 -28.27 6.63 8.52
N PHE A 146 -29.44 6.48 7.91
CA PHE A 146 -30.29 5.37 8.18
C PHE A 146 -30.50 4.57 6.91
N TYR A 147 -30.33 3.26 7.00
CA TYR A 147 -30.53 2.42 5.85
C TYR A 147 -31.53 1.37 6.16
N PHE A 148 -32.41 1.14 5.21
CA PHE A 148 -33.39 0.08 5.32
C PHE A 148 -33.07 -0.92 4.17
N ASP A 149 -32.65 -2.13 4.49
CA ASP A 149 -32.42 -3.14 3.44
C ASP A 149 -31.33 -2.69 2.44
N GLY A 150 -30.24 -2.13 2.96
CA GLY A 150 -29.17 -1.68 2.10
C GLY A 150 -29.49 -0.47 1.27
N LYS A 151 -30.69 0.03 1.36
CA LYS A 151 -30.96 1.25 0.62
C LYS A 151 -30.70 2.32 1.66
N LEU A 152 -30.52 3.57 1.22
CA LEU A 152 -30.34 4.70 2.14
C LEU A 152 -31.66 5.48 2.15
N ILE A 153 -32.19 5.73 3.32
CA ILE A 153 -33.47 6.44 3.42
C ILE A 153 -33.26 7.91 3.72
N ARG A 154 -32.71 8.16 4.90
CA ARG A 154 -32.43 9.49 5.29
C ARG A 154 -30.95 9.56 5.62
N ASP A 155 -30.38 10.73 5.36
CA ASP A 155 -28.98 11.04 5.64
C ASP A 155 -28.88 12.46 6.19
N ASN A 156 -27.87 12.71 7.02
CA ASN A 156 -27.67 14.04 7.62
C ASN A 156 -28.56 14.26 8.88
N ILE A 157 -28.94 13.16 9.49
CA ILE A 157 -29.75 13.19 10.68
C ILE A 157 -29.04 13.94 11.76
N GLN A 158 -29.59 15.08 12.13
CA GLN A 158 -29.00 15.95 13.12
C GLN A 158 -29.34 15.38 14.47
N PRO A 159 -28.34 15.14 15.30
CA PRO A 159 -28.55 14.56 16.64
C PRO A 159 -29.36 15.47 17.56
N THR A 160 -30.37 14.93 18.21
CA THR A 160 -31.15 15.74 19.14
C THR A 160 -30.82 15.47 20.59
N ALA A 161 -31.43 16.25 21.47
CA ALA A 161 -31.15 16.18 22.88
C ALA A 161 -31.85 15.19 23.76
N SER A 162 -31.16 14.86 24.85
CA SER A 162 -31.61 13.95 25.89
C SER A 162 -30.51 13.94 26.92
N LYS A 163 -30.74 13.24 28.02
CA LYS A 163 -29.73 13.10 29.05
C LYS A 163 -29.69 11.62 29.31
N GLN A 164 -30.53 10.90 28.57
CA GLN A 164 -30.58 9.43 28.59
C GLN A 164 -29.24 8.98 28.07
N ASN A 165 -28.67 7.97 28.69
CA ASN A 165 -27.40 7.47 28.25
C ASN A 165 -27.46 5.94 28.19
N MET A 166 -27.59 5.40 26.99
CA MET A 166 -27.70 3.95 26.81
C MET A 166 -28.08 3.58 25.42
N ILE A 167 -27.98 2.28 25.17
CA ILE A 167 -28.38 1.70 23.90
C ILE A 167 -29.69 1.02 24.27
N VAL A 168 -30.69 1.16 23.40
CA VAL A 168 -32.01 0.64 23.70
C VAL A 168 -32.67 0.05 22.47
N TRP A 169 -33.54 -0.96 22.70
CA TRP A 169 -34.35 -1.57 21.63
C TRP A 169 -35.66 -2.11 22.18
N GLY A 170 -36.73 -1.97 21.41
CA GLY A 170 -38.05 -2.44 21.82
C GLY A 170 -39.14 -1.39 21.60
N ASN A 171 -40.10 -1.36 22.52
CA ASN A 171 -41.21 -0.39 22.48
C ASN A 171 -40.99 0.60 23.62
N GLY A 172 -40.68 1.84 23.28
CA GLY A 172 -40.32 2.82 24.26
C GLY A 172 -41.42 3.70 24.83
N SER A 173 -42.68 3.41 24.47
CA SER A 173 -43.85 4.17 24.94
C SER A 173 -44.70 3.29 25.89
N SER A 174 -45.11 3.85 27.01
CA SER A 174 -45.93 3.05 27.91
C SER A 174 -47.35 3.11 27.44
N ASN A 175 -47.70 4.27 26.88
CA ASN A 175 -49.04 4.51 26.42
C ASN A 175 -49.26 4.22 24.91
N THR A 176 -48.19 3.87 24.21
CA THR A 176 -48.36 3.54 22.81
C THR A 176 -47.95 2.09 22.62
N ASP A 177 -48.91 1.28 22.16
CA ASP A 177 -48.71 -0.15 21.92
C ASP A 177 -47.72 -0.41 20.76
N GLY A 178 -46.83 -1.39 20.94
CA GLY A 178 -45.93 -1.80 19.86
C GLY A 178 -45.48 -3.25 20.00
N VAL A 179 -45.62 -4.05 18.92
CA VAL A 179 -45.18 -5.44 18.97
C VAL A 179 -44.21 -5.82 17.86
N ALA A 180 -43.06 -6.39 18.25
CA ALA A 180 -42.07 -6.80 17.25
C ALA A 180 -41.06 -7.91 17.63
N ALA A 181 -40.80 -8.78 16.67
CA ALA A 181 -39.82 -9.84 16.88
C ALA A 181 -38.48 -9.36 16.31
N TYR A 182 -37.46 -9.47 17.16
CA TYR A 182 -36.11 -9.05 16.87
C TYR A 182 -35.28 -10.30 16.69
N ARG A 183 -34.82 -10.57 15.48
CA ARG A 183 -33.99 -11.76 15.28
C ARG A 183 -32.55 -11.46 15.67
N ASP A 184 -32.17 -10.20 15.58
CA ASP A 184 -30.80 -9.81 15.87
C ASP A 184 -30.68 -8.30 16.08
N ILE A 185 -29.76 -7.93 16.98
CA ILE A 185 -29.49 -6.53 17.37
C ILE A 185 -27.95 -6.34 17.54
N LYS A 186 -27.34 -5.40 16.81
CA LYS A 186 -25.87 -5.18 16.94
C LYS A 186 -25.45 -3.73 17.05
N PHE A 187 -24.62 -3.44 18.03
CA PHE A 187 -24.13 -2.10 18.27
C PHE A 187 -22.62 -2.20 18.23
N GLU A 188 -21.99 -1.36 17.41
CA GLU A 188 -20.54 -1.40 17.25
C GLU A 188 -19.91 -0.06 17.46
N ILE A 189 -19.06 0.04 18.45
CA ILE A 189 -18.33 1.28 18.67
C ILE A 189 -17.08 1.03 17.90
N GLN A 190 -16.82 1.88 16.90
CA GLN A 190 -15.64 1.73 16.03
C GLN A 190 -14.28 1.26 16.53
N GLY A 191 -13.34 2.20 16.60
CA GLY A 191 -11.93 1.90 16.80
C GLY A 191 -11.34 1.27 18.06
N ASP A 192 -11.33 -0.04 18.08
CA ASP A 192 -10.67 -0.76 19.15
C ASP A 192 -9.19 -0.72 18.82
N VAL A 193 -8.40 -0.37 19.82
CA VAL A 193 -6.95 -0.29 19.68
C VAL A 193 -6.45 -1.71 19.61
N ILE A 194 -5.67 -2.01 18.56
CA ILE A 194 -5.13 -3.36 18.36
C ILE A 194 -3.64 -3.34 18.63
N PHE A 195 -2.98 -2.26 18.22
CA PHE A 195 -1.55 -2.08 18.49
C PHE A 195 -1.44 -0.73 19.17
N ARG A 196 -0.56 -0.69 20.17
CA ARG A 196 -0.32 0.52 20.96
C ARG A 196 0.97 1.21 20.64
N GLY A 197 0.96 2.56 20.76
CA GLY A 197 2.18 3.33 20.62
C GLY A 197 3.13 2.81 21.72
N PRO A 198 4.44 2.94 21.51
CA PRO A 198 5.02 3.61 20.39
C PRO A 198 5.19 2.72 19.20
N ASP A 199 4.59 1.55 19.22
CA ASP A 199 4.60 0.69 18.04
C ASP A 199 3.86 1.44 16.93
N ARG A 200 4.43 1.45 15.72
CA ARG A 200 3.86 2.21 14.58
C ARG A 200 3.96 1.47 13.25
N ILE A 201 3.38 2.06 12.19
CA ILE A 201 3.48 1.50 10.85
C ILE A 201 2.64 0.24 10.48
N PRO A 202 1.36 0.25 10.82
CA PRO A 202 0.58 -0.92 10.50
C PRO A 202 0.21 -1.13 9.04
N SER A 203 -0.18 -2.36 8.75
CA SER A 203 -0.68 -2.74 7.45
C SER A 203 -1.69 -3.84 7.76
N ILE A 204 -2.53 -4.17 6.79
CA ILE A 204 -3.56 -5.19 6.97
C ILE A 204 -4.11 -5.71 5.63
N VAL A 205 -4.59 -6.95 5.69
CA VAL A 205 -5.10 -7.66 4.53
C VAL A 205 -6.07 -8.71 5.08
N ALA A 206 -6.92 -9.26 4.23
CA ALA A 206 -7.90 -10.25 4.66
C ALA A 206 -7.96 -11.36 3.67
N SER A 207 -8.35 -12.53 4.16
CA SER A 207 -8.52 -13.68 3.30
C SER A 207 -9.86 -13.55 2.62
N SER A 208 -9.93 -13.98 1.35
CA SER A 208 -11.21 -13.99 0.61
C SER A 208 -11.65 -15.45 0.57
N VAL A 209 -10.68 -16.36 0.59
CA VAL A 209 -10.91 -17.80 0.63
C VAL A 209 -11.45 -18.32 2.00
N THR A 210 -10.96 -17.77 3.09
CA THR A 210 -11.44 -18.17 4.42
C THR A 210 -12.02 -16.88 5.01
N PRO A 211 -13.25 -16.57 4.60
CA PRO A 211 -13.95 -15.35 5.05
C PRO A 211 -13.84 -15.15 6.54
N GLY A 212 -13.35 -13.97 6.94
CA GLY A 212 -13.22 -13.70 8.36
C GLY A 212 -11.80 -13.57 8.84
N VAL A 213 -10.88 -14.25 8.18
CA VAL A 213 -9.50 -14.15 8.64
C VAL A 213 -8.85 -12.82 8.22
N VAL A 214 -8.50 -12.02 9.19
CA VAL A 214 -7.81 -10.79 8.88
C VAL A 214 -6.40 -10.89 9.49
N THR A 215 -5.44 -10.26 8.84
CA THR A 215 -4.08 -10.25 9.37
C THR A 215 -3.39 -8.90 9.40
N ALA A 216 -3.23 -8.37 10.62
CA ALA A 216 -2.63 -7.06 10.83
C ALA A 216 -1.19 -7.12 11.35
N PHE A 217 -0.40 -6.13 10.91
CA PHE A 217 1.01 -5.99 11.27
C PHE A 217 1.42 -4.58 11.69
N ALA A 218 2.54 -4.51 12.39
CA ALA A 218 3.09 -3.21 12.76
C ALA A 218 4.51 -3.45 13.19
N GLU A 219 5.15 -2.39 13.67
CA GLU A 219 6.48 -2.48 14.15
C GLU A 219 6.56 -2.40 15.69
N LYS A 220 7.06 -3.44 16.33
CA LYS A 220 7.24 -3.34 17.76
C LYS A 220 8.44 -2.43 17.86
N ARG A 221 8.27 -1.26 18.45
CA ARG A 221 9.39 -0.35 18.57
C ARG A 221 9.75 -0.20 20.05
N VAL A 222 10.67 -1.03 20.51
CA VAL A 222 11.09 -0.96 21.91
C VAL A 222 12.12 0.16 22.06
N GLY A 223 11.62 1.29 22.53
CA GLY A 223 12.45 2.48 22.74
C GLY A 223 11.79 3.60 22.00
N GLY A 224 10.88 3.21 21.10
CA GLY A 224 10.11 4.14 20.27
C GLY A 224 11.05 4.66 19.22
N GLY A 225 10.53 5.29 18.17
CA GLY A 225 11.40 5.87 17.12
C GLY A 225 11.70 4.99 15.87
N ASP A 226 11.99 5.67 14.77
CA ASP A 226 12.33 5.03 13.49
C ASP A 226 13.57 4.17 13.61
N PRO A 227 13.61 3.15 12.77
CA PRO A 227 14.73 2.25 12.73
C PRO A 227 16.02 3.05 12.54
N GLY A 228 17.11 2.53 13.09
CA GLY A 228 18.41 3.18 13.00
C GLY A 228 18.80 3.83 14.29
N ALA A 229 17.88 3.93 15.26
CA ALA A 229 18.27 4.52 16.56
C ALA A 229 19.05 3.58 17.42
N LEU A 230 20.16 4.07 17.91
CA LEU A 230 20.95 3.29 18.81
C LEU A 230 20.06 2.99 20.03
N SER A 231 19.02 3.80 20.18
CA SER A 231 18.13 3.69 21.32
C SER A 231 16.82 3.01 20.98
N ASN A 232 16.89 1.85 20.33
CA ASN A 232 15.69 1.07 20.05
C ASN A 232 16.03 -0.25 19.43
N THR A 233 15.04 -1.10 19.34
CA THR A 233 15.18 -2.38 18.70
C THR A 233 13.82 -2.55 18.17
N ASN A 234 13.69 -2.54 16.85
CA ASN A 234 12.40 -2.63 16.27
C ASN A 234 12.19 -3.99 15.69
N ASP A 235 11.00 -4.54 15.95
CA ASP A 235 10.66 -5.84 15.41
C ASP A 235 9.36 -5.73 14.68
N ILE A 236 8.97 -6.84 14.08
CA ILE A 236 7.70 -6.91 13.39
C ILE A 236 6.69 -7.71 14.22
N ILE A 237 5.44 -7.26 14.18
CA ILE A 237 4.41 -7.94 14.94
C ILE A 237 3.14 -8.14 14.12
N THR A 238 2.36 -9.12 14.56
CA THR A 238 1.11 -9.47 13.92
C THR A 238 0.04 -9.87 14.89
N ARG A 239 -1.17 -9.79 14.38
CA ARG A 239 -2.36 -10.22 15.08
C ARG A 239 -3.36 -10.66 14.05
N THR A 240 -4.00 -11.79 14.30
CA THR A 240 -4.98 -12.29 13.39
C THR A 240 -6.27 -12.32 14.12
N SER A 241 -7.34 -12.21 13.35
CA SER A 241 -8.69 -12.18 13.88
C SER A 241 -9.55 -12.99 12.90
N ARG A 242 -9.99 -14.16 13.38
CA ARG A 242 -10.79 -15.13 12.59
C ARG A 242 -12.30 -14.78 12.51
N ASP A 243 -12.68 -13.60 13.06
CA ASP A 243 -14.06 -13.16 13.09
C ASP A 243 -14.40 -11.80 12.49
N GLY A 244 -13.64 -11.37 11.50
CA GLY A 244 -13.97 -10.11 10.80
C GLY A 244 -13.28 -8.92 11.38
N GLY A 245 -12.53 -9.17 12.43
CA GLY A 245 -11.80 -8.09 13.06
C GLY A 245 -12.49 -7.78 14.35
N ILE A 246 -13.17 -8.76 14.95
CA ILE A 246 -13.80 -8.47 16.21
C ILE A 246 -12.82 -8.77 17.28
N THR A 247 -12.42 -10.01 17.38
CA THR A 247 -11.47 -10.32 18.44
C THR A 247 -10.13 -10.56 17.81
N TRP A 248 -9.07 -10.44 18.59
CA TRP A 248 -7.77 -10.66 18.01
C TRP A 248 -6.90 -11.53 18.88
N ASP A 249 -6.15 -12.41 18.24
CA ASP A 249 -5.29 -13.28 19.00
C ASP A 249 -4.15 -12.50 19.65
N THR A 250 -3.28 -13.19 20.37
CA THR A 250 -2.17 -12.50 21.04
C THR A 250 -1.18 -11.90 20.00
N GLU A 251 -0.54 -10.80 20.36
CA GLU A 251 0.45 -10.12 19.54
C GLU A 251 1.63 -11.10 19.27
N LEU A 252 1.98 -11.33 18.00
CA LEU A 252 3.13 -12.21 17.71
C LEU A 252 4.32 -11.49 17.05
N ASN A 253 5.45 -11.55 17.73
CA ASN A 253 6.69 -10.98 17.24
C ASN A 253 7.37 -11.97 16.29
N LEU A 254 7.19 -11.78 15.00
CA LEU A 254 7.79 -12.67 14.03
C LEU A 254 9.30 -12.62 13.99
N THR A 255 9.84 -11.51 14.47
CA THR A 255 11.26 -11.11 14.35
C THR A 255 12.32 -11.46 15.42
N GLU A 256 11.89 -11.50 16.65
CA GLU A 256 12.77 -11.78 17.77
C GLU A 256 13.59 -13.08 17.49
N GLN A 257 13.03 -13.99 16.69
CA GLN A 257 13.67 -15.23 16.40
C GLN A 257 14.87 -14.92 15.55
N ILE A 258 14.65 -14.02 14.64
CA ILE A 258 15.59 -13.55 13.66
C ILE A 258 16.68 -12.66 14.27
N ASN A 259 16.33 -11.88 15.27
CA ASN A 259 17.24 -10.92 15.87
C ASN A 259 17.61 -11.32 17.29
N VAL A 260 18.44 -12.35 17.38
CA VAL A 260 18.92 -12.92 18.66
C VAL A 260 19.41 -11.92 19.66
N SER A 261 20.32 -11.08 19.22
CA SER A 261 20.96 -10.21 20.13
C SER A 261 20.43 -8.80 20.02
N ASP A 262 19.41 -8.64 19.19
CA ASP A 262 18.74 -7.36 18.96
C ASP A 262 19.70 -6.43 18.31
N GLU A 263 20.47 -7.04 17.41
CA GLU A 263 21.46 -6.37 16.64
C GLU A 263 20.80 -5.68 15.45
N PHE A 264 19.55 -6.00 15.16
CA PHE A 264 18.92 -5.40 14.03
C PHE A 264 17.68 -4.61 14.38
N ASP A 265 17.13 -3.97 13.39
CA ASP A 265 15.88 -3.26 13.53
C ASP A 265 15.13 -3.76 12.32
N PHE A 266 13.85 -4.07 12.47
CA PHE A 266 13.10 -4.47 11.30
C PHE A 266 12.06 -3.41 11.02
N SER A 267 11.65 -3.28 9.77
CA SER A 267 10.70 -2.24 9.48
C SER A 267 9.81 -2.59 8.37
N ASP A 268 8.74 -1.81 8.25
CA ASP A 268 7.84 -1.84 7.13
C ASP A 268 7.29 -3.17 6.69
N PRO A 269 6.38 -3.72 7.47
CA PRO A 269 5.75 -4.97 7.18
C PRO A 269 4.79 -4.79 6.02
N ARG A 270 5.19 -5.29 4.87
CA ARG A 270 4.35 -5.22 3.69
C ARG A 270 3.96 -6.64 3.29
N PRO A 271 2.75 -7.02 3.66
CA PRO A 271 2.27 -8.34 3.37
C PRO A 271 1.42 -8.39 2.12
N ILE A 272 1.37 -9.55 1.51
CA ILE A 272 0.47 -9.75 0.39
C ILE A 272 -0.35 -10.98 0.64
N TYR A 273 -1.63 -10.91 0.32
CA TYR A 273 -2.50 -12.05 0.45
C TYR A 273 -2.54 -12.82 -0.89
N ASP A 274 -2.24 -14.11 -0.84
CA ASP A 274 -2.17 -14.95 -2.03
C ASP A 274 -3.25 -16.05 -2.09
N PRO A 275 -4.28 -15.76 -2.86
CA PRO A 275 -5.43 -16.59 -3.09
C PRO A 275 -5.25 -18.02 -3.54
N SER A 276 -4.12 -18.35 -4.15
CA SER A 276 -3.89 -19.70 -4.67
C SER A 276 -3.47 -20.66 -3.56
N SER A 277 -2.64 -20.20 -2.68
CA SER A 277 -2.21 -21.04 -1.59
C SER A 277 -3.00 -20.57 -0.36
N ASN A 278 -3.66 -19.44 -0.52
CA ASN A 278 -4.41 -18.84 0.57
C ASN A 278 -3.46 -18.57 1.70
N THR A 279 -2.48 -17.74 1.41
CA THR A 279 -1.45 -17.39 2.38
C THR A 279 -1.17 -15.88 2.43
N VAL A 280 -0.63 -15.44 3.56
CA VAL A 280 -0.15 -14.06 3.66
C VAL A 280 1.35 -14.11 3.56
N LEU A 281 1.91 -13.30 2.70
CA LEU A 281 3.34 -13.30 2.55
C LEU A 281 3.79 -11.93 3.04
N VAL A 282 4.42 -11.83 4.22
CA VAL A 282 4.85 -10.49 4.65
C VAL A 282 6.28 -10.29 4.28
N SER A 283 6.60 -9.09 3.82
CA SER A 283 7.98 -8.66 3.51
C SER A 283 8.30 -7.41 4.31
N TYR A 284 9.48 -7.40 4.90
CA TYR A 284 9.92 -6.29 5.69
C TYR A 284 11.44 -6.16 5.63
N ALA A 285 11.92 -4.97 5.96
CA ALA A 285 13.32 -4.67 5.89
C ALA A 285 14.02 -4.80 7.18
N ARG A 286 15.31 -5.15 7.07
CA ARG A 286 16.19 -5.20 8.21
C ARG A 286 17.27 -4.11 7.99
N TRP A 287 17.82 -3.63 9.09
CA TRP A 287 18.87 -2.61 9.14
C TRP A 287 19.65 -2.98 10.40
N PRO A 288 20.83 -2.44 10.57
CA PRO A 288 21.52 -2.69 11.84
C PRO A 288 20.77 -1.79 12.81
N THR A 289 20.80 -2.10 14.09
CA THR A 289 20.07 -1.30 15.05
C THR A 289 20.53 0.16 15.07
N ASP A 290 21.72 0.46 14.58
CA ASP A 290 22.20 1.83 14.64
C ASP A 290 22.20 2.66 13.37
N ALA A 291 21.80 2.09 12.24
CA ALA A 291 21.79 2.89 11.01
C ALA A 291 20.78 2.36 10.03
N ALA A 292 20.14 3.28 9.32
CA ALA A 292 19.13 2.95 8.34
C ALA A 292 19.02 4.11 7.42
N GLN A 293 17.81 4.22 6.86
CA GLN A 293 17.42 5.21 5.89
C GLN A 293 17.62 6.64 6.36
N ASN A 294 17.08 6.97 7.50
CA ASN A 294 17.18 8.33 7.99
C ASN A 294 18.57 8.88 7.86
N GLY A 295 18.67 10.11 7.38
CA GLY A 295 19.96 10.77 7.22
C GLY A 295 20.86 10.06 6.24
N ASP A 296 20.29 9.10 5.53
CA ASP A 296 21.06 8.33 4.58
C ASP A 296 22.29 7.82 5.23
N ARG A 297 22.21 7.34 6.46
CA ARG A 297 23.42 6.81 7.08
C ARG A 297 23.66 5.37 6.70
N ILE A 298 22.72 4.78 5.94
CA ILE A 298 22.86 3.37 5.60
C ILE A 298 23.84 3.22 4.45
N LYS A 299 24.74 2.24 4.57
CA LYS A 299 25.76 2.00 3.55
C LYS A 299 25.66 0.60 2.94
N PRO A 300 25.93 0.51 1.64
CA PRO A 300 25.79 -0.78 0.98
C PRO A 300 26.50 -1.94 1.68
N TRP A 301 27.35 -1.68 2.66
CA TRP A 301 28.04 -2.77 3.33
C TRP A 301 27.55 -3.11 4.74
N MET A 302 26.36 -2.64 5.08
CA MET A 302 25.77 -2.94 6.37
C MET A 302 24.71 -4.01 6.11
N PRO A 303 24.11 -4.54 7.17
CA PRO A 303 23.16 -5.61 7.05
C PRO A 303 21.70 -5.26 6.62
N ASN A 304 21.52 -4.23 5.82
CA ASN A 304 20.18 -3.95 5.33
C ASN A 304 19.76 -5.11 4.47
N GLY A 305 18.48 -5.44 4.57
CA GLY A 305 17.98 -6.49 3.76
C GLY A 305 16.48 -6.62 3.82
N ILE A 306 15.99 -7.62 3.10
CA ILE A 306 14.59 -7.87 3.01
C ILE A 306 14.35 -9.34 3.34
N PHE A 307 13.31 -9.57 4.13
CA PHE A 307 12.97 -10.89 4.57
C PHE A 307 11.47 -11.10 4.49
N TYR A 308 11.07 -12.35 4.40
CA TYR A 308 9.65 -12.62 4.37
C TYR A 308 9.30 -13.74 5.24
N SER A 309 8.02 -13.73 5.62
CA SER A 309 7.46 -14.77 6.44
C SER A 309 6.14 -15.10 5.83
N VAL A 310 5.87 -16.39 5.77
CA VAL A 310 4.64 -16.90 5.21
C VAL A 310 3.75 -17.44 6.32
N TYR A 311 2.49 -17.03 6.27
CA TYR A 311 1.51 -17.41 7.22
C TYR A 311 0.47 -18.33 6.56
N ASP A 312 0.33 -19.55 7.08
CA ASP A 312 -0.65 -20.50 6.54
C ASP A 312 -2.03 -20.20 7.21
N VAL A 313 -2.92 -19.52 6.49
CA VAL A 313 -4.25 -19.18 7.01
C VAL A 313 -5.03 -20.42 7.43
N ALA A 314 -4.90 -21.52 6.68
CA ALA A 314 -5.68 -22.73 7.00
C ALA A 314 -5.42 -23.31 8.37
N SER A 315 -4.17 -23.35 8.79
CA SER A 315 -3.87 -23.92 10.07
C SER A 315 -3.28 -22.90 11.02
N GLY A 316 -3.32 -21.65 10.61
CA GLY A 316 -2.75 -20.55 11.40
C GLY A 316 -1.27 -20.65 11.81
N ASN A 317 -0.45 -21.40 11.08
CA ASN A 317 0.98 -21.48 11.46
C ASN A 317 1.82 -20.53 10.61
N TRP A 318 2.99 -20.19 11.16
CA TRP A 318 3.96 -19.33 10.45
C TRP A 318 5.23 -20.15 10.19
N GLN A 319 5.92 -19.83 9.09
CA GLN A 319 7.16 -20.49 8.69
C GLN A 319 8.25 -19.51 9.00
N ALA A 320 9.37 -19.98 9.54
CA ALA A 320 10.46 -19.07 9.87
C ALA A 320 10.80 -18.15 8.67
N PRO A 321 11.24 -16.94 8.96
CA PRO A 321 11.53 -15.95 7.95
C PRO A 321 12.62 -16.36 7.00
N ILE A 322 12.49 -15.90 5.78
CA ILE A 322 13.45 -16.21 4.73
C ILE A 322 14.12 -14.92 4.18
N ASP A 323 15.42 -14.98 3.95
CA ASP A 323 16.14 -13.83 3.45
C ASP A 323 16.27 -13.83 1.96
N VAL A 324 15.97 -12.68 1.36
CA VAL A 324 16.06 -12.55 -0.08
C VAL A 324 16.74 -11.30 -0.56
N THR A 325 17.60 -10.72 0.30
CA THR A 325 18.33 -9.51 -0.05
C THR A 325 19.09 -9.70 -1.37
N ASP A 326 19.68 -10.87 -1.53
CA ASP A 326 20.48 -11.14 -2.71
C ASP A 326 19.74 -10.87 -3.99
N GLN A 327 18.52 -11.39 -4.07
CA GLN A 327 17.73 -11.27 -5.29
C GLN A 327 17.27 -9.84 -5.56
N VAL A 328 17.29 -8.98 -4.55
CA VAL A 328 16.66 -7.69 -4.73
C VAL A 328 17.48 -6.46 -4.36
N LYS A 329 18.61 -6.69 -3.71
CA LYS A 329 19.50 -5.62 -3.38
C LYS A 329 20.66 -5.72 -4.39
N GLU A 330 20.63 -4.84 -5.38
CA GLU A 330 21.69 -4.77 -6.38
C GLU A 330 23.04 -4.32 -5.75
N ARG A 331 24.14 -4.81 -6.31
CA ARG A 331 25.50 -4.40 -5.89
C ARG A 331 26.23 -4.01 -7.15
N SER A 332 26.34 -2.70 -7.43
CA SER A 332 26.97 -2.25 -8.67
C SER A 332 27.59 -0.86 -8.63
N PHE A 333 28.54 -0.60 -9.54
CA PHE A 333 29.08 0.73 -9.64
C PHE A 333 28.11 1.47 -10.54
N GLN A 334 27.65 2.63 -10.10
CA GLN A 334 26.63 3.34 -10.83
C GLN A 334 27.04 4.70 -11.32
N ILE A 335 26.67 5.01 -12.57
CA ILE A 335 27.05 6.25 -13.21
C ILE A 335 25.83 6.98 -13.77
N ALA A 336 25.57 8.15 -13.21
CA ALA A 336 24.44 8.97 -13.63
C ALA A 336 24.93 10.15 -14.48
N GLY A 337 24.92 9.98 -15.80
CA GLY A 337 25.42 10.99 -16.74
C GLY A 337 24.38 12.03 -17.08
N TRP A 338 23.59 12.34 -16.06
CA TRP A 338 22.51 13.32 -16.16
C TRP A 338 23.08 14.70 -16.02
N GLY A 339 23.09 15.43 -17.13
CA GLY A 339 23.59 16.80 -17.18
C GLY A 339 25.10 16.85 -17.06
N GLY A 340 25.71 15.71 -17.36
CA GLY A 340 27.13 15.58 -17.31
C GLY A 340 27.51 14.46 -18.26
N SER A 341 28.80 14.14 -18.27
CA SER A 341 29.37 13.08 -19.04
C SER A 341 30.42 12.53 -18.07
N GLU A 342 30.43 11.22 -17.88
CA GLU A 342 31.42 10.59 -17.00
C GLU A 342 32.01 9.32 -17.63
N LEU A 343 33.35 9.26 -17.65
CA LEU A 343 34.06 8.14 -18.27
C LEU A 343 35.25 7.68 -17.46
N TYR A 344 35.49 6.37 -17.53
CA TYR A 344 36.59 5.72 -16.83
C TYR A 344 37.41 4.99 -17.87
N ARG A 345 38.70 5.33 -17.92
CA ARG A 345 39.60 4.75 -18.91
C ARG A 345 40.78 4.11 -18.29
N ARG A 346 41.15 2.98 -18.87
CA ARG A 346 42.34 2.24 -18.47
C ARG A 346 43.20 2.09 -19.74
N ASN A 347 44.45 2.56 -19.68
CA ASN A 347 45.34 2.43 -20.84
C ASN A 347 45.89 1.01 -20.84
N THR A 348 45.72 0.32 -21.97
CA THR A 348 46.10 -1.07 -22.10
C THR A 348 47.18 -1.25 -23.18
N SER A 349 47.79 -2.42 -23.23
CA SER A 349 48.78 -2.69 -24.25
C SER A 349 48.42 -3.95 -25.01
N LEU A 350 47.36 -3.87 -25.80
CA LEU A 350 46.86 -5.02 -26.54
C LEU A 350 47.53 -5.16 -27.91
N ASN A 351 48.09 -6.34 -28.21
CA ASN A 351 48.71 -6.54 -29.54
C ASN A 351 47.63 -6.84 -30.60
N SER A 352 47.20 -5.76 -31.26
CA SER A 352 46.15 -5.75 -32.28
C SER A 352 46.22 -6.75 -33.43
N GLN A 353 47.28 -7.54 -33.51
CA GLN A 353 47.35 -8.49 -34.61
C GLN A 353 47.10 -9.84 -34.02
N GLN A 354 46.80 -9.82 -32.73
CA GLN A 354 46.51 -11.04 -32.04
C GLN A 354 45.15 -10.88 -31.38
N ASP A 355 44.47 -11.99 -31.19
CA ASP A 355 43.12 -12.01 -30.62
C ASP A 355 42.95 -11.40 -29.20
N TRP A 356 41.70 -11.05 -28.87
CA TRP A 356 41.36 -10.59 -27.54
C TRP A 356 39.90 -10.79 -27.18
N GLN A 357 39.61 -10.83 -25.87
CA GLN A 357 38.25 -11.07 -25.35
C GLN A 357 37.78 -9.99 -24.36
N SER A 358 36.62 -9.39 -24.67
CA SER A 358 35.98 -8.30 -23.88
C SER A 358 34.70 -8.72 -23.16
N ASN A 359 34.60 -8.45 -21.87
CA ASN A 359 33.37 -8.77 -21.18
C ASN A 359 32.93 -7.75 -20.17
N ALA A 360 31.68 -7.34 -20.30
CA ALA A 360 31.16 -6.34 -19.42
C ALA A 360 29.71 -6.62 -18.99
N LYS A 361 29.43 -6.64 -17.69
CA LYS A 361 28.04 -6.82 -17.26
C LYS A 361 27.47 -5.48 -16.94
N ILE A 362 26.55 -5.07 -17.81
CA ILE A 362 25.93 -3.77 -17.78
C ILE A 362 24.39 -3.84 -17.77
N ARG A 363 23.81 -2.80 -17.20
CA ARG A 363 22.40 -2.58 -17.13
C ARG A 363 22.13 -1.08 -17.41
N ILE A 364 21.27 -0.81 -18.38
CA ILE A 364 20.88 0.56 -18.78
C ILE A 364 19.62 0.97 -17.98
N VAL A 365 19.74 1.89 -17.04
CA VAL A 365 18.56 2.31 -16.29
C VAL A 365 17.66 3.18 -17.18
N ASP A 366 18.24 4.24 -17.76
CA ASP A 366 17.52 5.10 -18.70
C ASP A 366 18.45 5.82 -19.69
N GLY A 367 17.86 6.56 -20.62
CA GLY A 367 18.60 7.36 -21.61
C GLY A 367 19.47 6.64 -22.67
N ALA A 368 20.55 7.34 -23.08
CA ALA A 368 21.45 6.86 -24.12
C ALA A 368 22.91 7.24 -23.94
N ALA A 369 23.68 7.06 -25.01
CA ALA A 369 25.10 7.33 -25.01
C ALA A 369 25.83 6.78 -23.79
N ASN A 370 25.40 5.62 -23.31
CA ASN A 370 26.15 4.95 -22.25
C ASN A 370 26.95 4.00 -23.11
N GLN A 371 28.26 3.89 -22.87
CA GLN A 371 29.02 3.06 -23.77
C GLN A 371 30.21 2.27 -23.32
N ILE A 372 30.49 1.22 -24.08
CA ILE A 372 31.65 0.40 -23.85
C ILE A 372 32.64 0.48 -25.04
N GLN A 373 33.91 0.72 -24.72
CA GLN A 373 34.93 0.93 -25.74
C GLN A 373 36.24 0.16 -25.58
N VAL A 374 36.53 -0.70 -26.55
CA VAL A 374 37.83 -1.39 -26.59
C VAL A 374 38.62 -0.83 -27.77
N ALA A 375 39.84 -0.40 -27.48
CA ALA A 375 40.75 0.15 -28.49
C ALA A 375 42.10 -0.56 -28.29
N ASP A 376 42.65 -1.12 -29.37
CA ASP A 376 43.89 -1.90 -29.27
C ASP A 376 45.05 -1.28 -30.01
N GLY A 377 45.13 0.04 -29.95
CA GLY A 377 46.18 0.73 -30.64
C GLY A 377 45.74 1.00 -32.07
N SER A 378 45.52 -0.04 -32.86
CA SER A 378 45.12 0.20 -34.24
C SER A 378 43.65 0.60 -34.45
N ARG A 379 42.72 -0.13 -33.86
CA ARG A 379 41.31 0.19 -34.08
C ARG A 379 40.41 0.29 -32.85
N LYS A 380 39.23 0.84 -33.08
CA LYS A 380 38.30 1.08 -32.00
C LYS A 380 36.94 0.41 -32.15
N TYR A 381 36.52 -0.27 -31.08
CA TYR A 381 35.22 -0.93 -31.04
C TYR A 381 34.38 -0.32 -29.94
N VAL A 382 33.23 0.22 -30.32
CA VAL A 382 32.36 0.91 -29.39
C VAL A 382 30.93 0.48 -29.49
N VAL A 383 30.40 0.03 -28.36
CA VAL A 383 29.01 -0.33 -28.29
C VAL A 383 28.31 0.72 -27.49
N THR A 384 27.48 1.52 -28.18
CA THR A 384 26.68 2.54 -27.53
C THR A 384 25.28 1.96 -27.24
N LEU A 385 24.96 1.85 -25.96
CA LEU A 385 23.67 1.33 -25.52
C LEU A 385 22.73 2.46 -25.12
N SER A 386 21.46 2.28 -25.40
CA SER A 386 20.51 3.34 -25.15
C SER A 386 19.08 2.80 -25.12
N ILE A 387 18.19 3.49 -24.39
CA ILE A 387 16.80 3.06 -24.35
C ILE A 387 15.87 3.86 -25.25
N ASP A 388 15.09 3.14 -26.05
CA ASP A 388 14.08 3.60 -27.01
C ASP A 388 12.97 4.47 -26.41
N GLU A 389 12.31 5.26 -27.25
CA GLU A 389 11.13 5.99 -26.81
C GLU A 389 10.01 4.93 -26.65
N SER A 390 10.30 3.71 -27.13
CA SER A 390 9.36 2.62 -27.02
C SER A 390 9.71 1.72 -25.82
N GLY A 391 10.80 2.08 -25.16
CA GLY A 391 11.24 1.35 -24.00
C GLY A 391 11.92 0.04 -24.40
N GLY A 392 12.72 0.09 -25.45
CA GLY A 392 13.46 -1.09 -25.88
C GLY A 392 14.93 -0.74 -25.81
N LEU A 393 15.76 -1.73 -25.56
CA LEU A 393 17.19 -1.51 -25.47
C LEU A 393 17.80 -1.56 -26.88
N VAL A 394 18.53 -0.52 -27.25
CA VAL A 394 19.13 -0.45 -28.57
C VAL A 394 20.65 -0.29 -28.51
N ALA A 395 21.31 -0.78 -29.56
CA ALA A 395 22.75 -0.69 -29.65
C ALA A 395 23.27 -0.04 -30.96
N ASN A 396 24.06 1.00 -30.79
CA ASN A 396 24.69 1.68 -31.90
C ASN A 396 26.15 1.28 -31.74
N LEU A 397 26.70 0.66 -32.79
CA LEU A 397 28.12 0.28 -32.87
C LEU A 397 28.84 1.36 -33.64
N ASN A 398 30.14 1.50 -33.39
CA ASN A 398 30.86 2.55 -34.06
C ASN A 398 31.20 2.35 -35.51
N GLY A 399 31.05 3.43 -36.23
CA GLY A 399 31.24 3.43 -37.64
C GLY A 399 29.91 3.00 -38.31
N VAL A 400 29.18 2.09 -37.67
CA VAL A 400 27.90 1.61 -38.21
C VAL A 400 26.83 2.69 -38.21
N SER A 401 25.87 2.56 -39.12
CA SER A 401 24.79 3.53 -39.24
C SER A 401 23.45 3.06 -38.67
N ALA A 402 23.19 1.76 -38.76
CA ALA A 402 21.92 1.18 -38.36
C ALA A 402 21.88 0.60 -36.95
N PRO A 403 21.02 1.13 -36.10
CA PRO A 403 20.92 0.65 -34.72
C PRO A 403 20.28 -0.73 -34.69
N ILE A 404 20.56 -1.45 -33.62
CA ILE A 404 20.10 -2.83 -33.44
C ILE A 404 19.17 -2.97 -32.26
N ILE A 405 17.92 -3.35 -32.51
CA ILE A 405 17.03 -3.59 -31.39
C ILE A 405 17.76 -4.66 -30.59
N LEU A 406 17.94 -4.44 -29.30
CA LEU A 406 18.63 -5.44 -28.50
C LEU A 406 17.64 -6.19 -27.63
N GLN A 407 16.64 -5.47 -27.13
CA GLN A 407 15.62 -6.12 -26.29
C GLN A 407 14.26 -5.44 -26.39
N SER A 408 13.20 -6.22 -26.44
CA SER A 408 11.88 -5.62 -26.47
C SER A 408 11.18 -5.70 -25.10
N GLU A 409 11.18 -6.86 -24.48
CA GLU A 409 10.53 -7.02 -23.18
C GLU A 409 11.06 -6.07 -22.10
N HIS A 410 10.25 -5.06 -21.77
CA HIS A 410 10.65 -4.01 -20.79
C HIS A 410 11.49 -4.52 -19.66
N ALA A 411 11.16 -5.73 -19.23
CA ALA A 411 11.85 -6.36 -18.13
C ALA A 411 13.31 -6.64 -18.47
N LYS A 412 13.55 -7.13 -19.66
CA LYS A 412 14.91 -7.38 -20.10
C LYS A 412 15.54 -6.06 -20.49
N VAL A 413 14.71 -5.14 -20.95
CA VAL A 413 15.22 -3.85 -21.32
C VAL A 413 15.97 -3.16 -20.19
N HIS A 414 15.68 -3.52 -18.95
CA HIS A 414 16.37 -2.87 -17.82
C HIS A 414 17.11 -3.82 -16.91
N SER A 415 17.36 -5.04 -17.37
CA SER A 415 18.09 -5.99 -16.55
C SER A 415 19.54 -6.12 -17.04
N PHE A 416 20.34 -6.82 -16.26
CA PHE A 416 21.72 -7.00 -16.59
C PHE A 416 21.84 -7.90 -17.78
N HIS A 417 22.94 -7.69 -18.48
CA HIS A 417 23.26 -8.43 -19.69
C HIS A 417 24.74 -8.42 -19.92
N ASP A 418 25.27 -9.61 -20.19
CA ASP A 418 26.69 -9.80 -20.42
C ASP A 418 27.03 -9.48 -21.87
N TYR A 419 27.69 -8.35 -22.07
CA TYR A 419 28.11 -7.97 -23.43
C TYR A 419 29.51 -8.45 -23.60
N GLU A 420 29.68 -9.26 -24.62
CA GLU A 420 30.95 -9.80 -24.98
C GLU A 420 31.36 -9.21 -26.31
N LEU A 421 32.67 -9.12 -26.50
CA LEU A 421 33.21 -8.65 -27.75
C LEU A 421 34.35 -9.61 -28.01
N GLN A 422 34.33 -10.25 -29.16
CA GLN A 422 35.36 -11.19 -29.48
C GLN A 422 36.19 -10.70 -30.65
N TYR A 423 37.48 -10.43 -30.42
CA TYR A 423 38.35 -9.94 -31.46
C TYR A 423 39.07 -11.01 -32.23
N SER A 424 38.94 -11.01 -33.56
CA SER A 424 39.70 -11.94 -34.37
C SER A 424 40.72 -11.27 -35.25
N ALA A 425 41.98 -11.42 -34.82
CA ALA A 425 43.13 -10.87 -35.50
C ALA A 425 43.10 -11.42 -36.91
N LEU A 426 43.01 -12.73 -37.01
CA LEU A 426 42.91 -13.39 -38.29
C LEU A 426 42.27 -12.46 -39.35
N ASN A 427 40.96 -12.28 -39.28
CA ASN A 427 40.31 -11.49 -40.31
C ASN A 427 40.08 -10.05 -39.90
N HIS A 428 40.72 -9.66 -38.81
CA HIS A 428 40.64 -8.29 -38.30
C HIS A 428 39.27 -7.68 -38.11
N THR A 429 38.46 -8.36 -37.30
CA THR A 429 37.13 -7.90 -36.95
C THR A 429 36.69 -8.48 -35.61
N THR A 430 35.62 -7.93 -35.08
CA THR A 430 35.14 -8.39 -33.81
C THR A 430 33.67 -8.73 -33.84
N THR A 431 33.24 -9.53 -32.87
CA THR A 431 31.84 -9.87 -32.75
C THR A 431 31.23 -9.65 -31.37
N LEU A 432 29.97 -9.21 -31.41
CA LEU A 432 29.16 -8.89 -30.23
C LEU A 432 28.25 -10.05 -29.75
N PHE A 433 28.40 -10.40 -28.47
CA PHE A 433 27.59 -11.50 -27.88
C PHE A 433 26.82 -11.13 -26.60
N VAL A 434 25.55 -10.78 -26.77
CA VAL A 434 24.74 -10.42 -25.63
C VAL A 434 24.20 -11.67 -25.01
N ASP A 435 24.87 -12.14 -23.97
CA ASP A 435 24.46 -13.34 -23.30
C ASP A 435 24.36 -14.51 -24.31
N GLY A 436 25.51 -14.97 -24.78
CA GLY A 436 25.52 -16.06 -25.72
C GLY A 436 24.96 -15.67 -27.10
N GLN A 437 24.17 -14.59 -27.16
CA GLN A 437 23.60 -14.17 -28.43
C GLN A 437 24.56 -13.43 -29.30
N GLN A 438 25.03 -14.15 -30.31
CA GLN A 438 25.90 -13.59 -31.32
C GLN A 438 25.02 -12.58 -32.06
N ILE A 439 25.42 -11.30 -32.04
CA ILE A 439 24.63 -10.28 -32.70
C ILE A 439 25.14 -9.88 -34.09
N THR A 440 26.24 -9.13 -34.14
CA THR A 440 26.85 -8.72 -35.42
C THR A 440 28.37 -8.88 -35.36
N THR A 441 29.05 -8.56 -36.45
CA THR A 441 30.50 -8.57 -36.46
C THR A 441 30.86 -7.27 -37.14
N TRP A 442 31.98 -6.69 -36.78
CA TRP A 442 32.34 -5.46 -37.37
C TRP A 442 33.73 -5.02 -37.01
N ALA A 443 34.26 -4.10 -37.80
CA ALA A 443 35.59 -3.56 -37.59
C ALA A 443 35.45 -2.06 -37.43
N GLY A 444 35.51 -1.62 -36.19
CA GLY A 444 35.37 -0.22 -35.88
C GLY A 444 36.41 0.67 -36.56
N GLU A 445 36.37 1.94 -36.19
CA GLU A 445 37.26 2.93 -36.73
C GLU A 445 38.71 2.70 -36.39
N VAL A 446 39.57 3.32 -37.18
CA VAL A 446 40.98 3.16 -36.97
C VAL A 446 41.45 4.30 -36.08
N SER A 447 42.30 3.94 -35.10
CA SER A 447 42.77 4.88 -34.10
C SER A 447 44.15 4.48 -33.63
N GLN A 448 44.67 5.20 -32.65
CA GLN A 448 45.97 4.92 -32.04
C GLN A 448 45.73 4.72 -30.55
N GLU A 449 44.49 4.35 -30.24
CA GLU A 449 44.08 4.13 -28.86
C GLU A 449 44.24 2.69 -28.46
N ASN A 450 44.94 2.48 -27.36
CA ASN A 450 45.09 1.15 -26.80
C ASN A 450 44.35 1.29 -25.47
N ASN A 451 43.03 1.05 -25.50
CA ASN A 451 42.14 1.28 -24.35
C ASN A 451 41.04 0.28 -24.00
N ILE A 452 40.65 0.33 -22.74
CA ILE A 452 39.45 -0.33 -22.29
C ILE A 452 38.77 0.82 -21.57
N GLN A 453 37.54 1.14 -21.99
CA GLN A 453 36.85 2.33 -21.51
C GLN A 453 35.33 2.15 -21.39
N PHE A 454 34.72 2.75 -20.36
CA PHE A 454 33.27 2.68 -20.20
C PHE A 454 32.73 3.94 -19.53
N GLY A 455 31.42 4.18 -19.71
CA GLY A 455 30.72 5.30 -19.06
C GLY A 455 29.64 5.99 -19.90
N ASN A 456 29.43 7.25 -19.60
CA ASN A 456 28.45 8.06 -20.27
C ASN A 456 29.23 9.17 -20.98
N ALA A 457 29.17 9.18 -22.32
CA ALA A 457 29.95 10.11 -23.17
C ALA A 457 29.59 11.57 -23.18
N ASP A 458 28.44 11.89 -23.74
CA ASP A 458 28.02 13.28 -23.86
C ASP A 458 27.60 13.94 -22.57
N ALA A 459 27.96 15.20 -22.42
CA ALA A 459 27.57 15.96 -21.24
C ALA A 459 26.19 16.51 -21.50
N GLN A 460 25.77 16.48 -22.76
CA GLN A 460 24.46 17.00 -23.17
C GLN A 460 23.49 15.87 -23.45
N ILE A 461 23.92 14.64 -23.21
CA ILE A 461 23.06 13.48 -23.43
C ILE A 461 22.94 12.70 -22.16
N ASP A 462 21.74 12.61 -21.62
CA ASP A 462 21.59 11.94 -20.36
C ASP A 462 21.39 10.43 -20.46
N GLY A 463 22.09 9.71 -19.60
CA GLY A 463 21.99 8.28 -19.57
C GLY A 463 22.51 7.92 -18.23
N ARG A 464 22.24 6.72 -17.80
CA ARG A 464 22.75 6.25 -16.54
C ARG A 464 23.05 4.77 -16.75
N LEU A 465 24.19 4.34 -16.23
CA LEU A 465 24.62 2.99 -16.41
C LEU A 465 25.11 2.48 -15.06
N HIS A 466 25.02 1.17 -14.90
CA HIS A 466 25.46 0.52 -13.66
C HIS A 466 26.35 -0.61 -14.12
N VAL A 467 27.54 -0.67 -13.56
CA VAL A 467 28.49 -1.72 -13.87
C VAL A 467 28.59 -2.67 -12.72
N GLN A 468 28.88 -3.89 -13.07
CA GLN A 468 29.01 -4.98 -12.16
C GLN A 468 30.38 -5.63 -12.39
N LYS A 469 30.77 -5.76 -13.65
CA LYS A 469 32.07 -6.40 -13.95
C LYS A 469 32.62 -6.02 -15.32
N ILE A 470 33.93 -5.85 -15.38
CA ILE A 470 34.61 -5.59 -16.65
C ILE A 470 35.89 -6.44 -16.64
N VAL A 471 36.16 -7.09 -17.76
CA VAL A 471 37.37 -7.91 -17.88
C VAL A 471 37.87 -7.76 -19.29
N LEU A 472 39.19 -7.91 -19.45
CA LEU A 472 39.85 -7.85 -20.77
C LEU A 472 41.05 -8.84 -20.76
N THR A 473 41.00 -9.82 -21.64
CA THR A 473 42.08 -10.82 -21.72
C THR A 473 42.66 -10.99 -23.15
N GLN A 474 43.98 -11.23 -23.22
CA GLN A 474 44.67 -11.46 -24.48
C GLN A 474 45.55 -12.68 -24.26
N GLN A 475 45.73 -13.46 -25.29
CA GLN A 475 46.54 -14.65 -25.17
C GLN A 475 46.54 -15.30 -23.78
N GLY A 476 45.45 -15.98 -23.43
CA GLY A 476 45.37 -16.69 -22.16
C GLY A 476 45.81 -15.99 -20.89
N HIS A 477 45.51 -14.68 -20.79
CA HIS A 477 45.80 -13.90 -19.57
C HIS A 477 44.93 -12.66 -19.45
N ASN A 478 44.38 -12.45 -18.25
CA ASN A 478 43.53 -11.31 -17.94
C ASN A 478 44.26 -9.99 -17.77
N LEU A 479 44.11 -9.10 -18.76
CA LEU A 479 44.79 -7.81 -18.69
C LEU A 479 44.13 -6.94 -17.63
N VAL A 480 42.82 -6.78 -17.76
CA VAL A 480 42.09 -5.93 -16.87
C VAL A 480 40.86 -6.62 -16.33
N GLU A 481 40.53 -6.31 -15.08
CA GLU A 481 39.41 -6.93 -14.39
C GLU A 481 38.88 -6.09 -13.26
N PHE A 482 37.67 -5.58 -13.46
CA PHE A 482 37.00 -4.77 -12.46
C PHE A 482 35.63 -5.37 -12.13
N ASP A 483 35.47 -5.74 -10.86
CA ASP A 483 34.23 -6.33 -10.34
C ASP A 483 33.54 -5.39 -9.36
N ALA A 484 32.60 -4.60 -9.86
CA ALA A 484 31.85 -3.66 -9.00
C ALA A 484 31.01 -4.40 -7.95
N PHE A 485 30.38 -5.51 -8.39
CA PHE A 485 29.53 -6.36 -7.51
C PHE A 485 30.25 -6.71 -6.22
N TYR A 486 31.50 -7.16 -6.35
CA TYR A 486 32.30 -7.49 -5.16
C TYR A 486 32.68 -6.33 -4.19
N LEU A 487 33.15 -5.20 -4.75
CA LEU A 487 33.59 -4.04 -3.97
C LEU A 487 32.43 -3.27 -3.31
N ALA A 488 31.38 -3.05 -4.09
CA ALA A 488 30.19 -2.36 -3.62
C ALA A 488 29.88 -2.80 -2.19
N GLN A 489 29.92 -4.10 -1.99
CA GLN A 489 29.56 -4.71 -0.70
C GLN A 489 30.65 -4.75 0.33
N GLN A 490 31.83 -4.23 -0.01
CA GLN A 490 32.97 -4.20 0.87
C GLN A 490 33.02 -3.01 1.86
N THR A 491 33.58 -3.24 3.03
CA THR A 491 33.74 -2.18 4.00
C THR A 491 34.76 -1.20 3.42
N PRO A 492 34.72 0.03 3.92
CA PRO A 492 35.61 1.11 3.46
C PRO A 492 37.11 0.71 3.37
N GLU A 493 37.54 -0.22 4.21
CA GLU A 493 38.92 -0.64 4.16
C GLU A 493 39.30 -1.04 2.76
N VAL A 494 38.44 -1.82 2.10
CA VAL A 494 38.75 -2.29 0.76
C VAL A 494 38.73 -1.16 -0.31
N GLU A 495 39.90 -0.87 -0.87
CA GLU A 495 40.07 0.22 -1.86
C GLU A 495 39.21 0.02 -3.11
N LYS A 496 38.32 0.97 -3.37
CA LYS A 496 37.43 0.86 -4.51
C LYS A 496 37.38 2.08 -5.36
N ASP A 497 38.18 3.06 -5.01
CA ASP A 497 38.26 4.28 -5.82
C ASP A 497 38.87 3.93 -7.22
N LEU A 498 38.04 4.03 -8.24
CA LEU A 498 38.47 3.70 -9.57
C LEU A 498 39.87 4.27 -9.84
N GLU A 499 40.02 5.59 -9.69
CA GLU A 499 41.28 6.28 -9.89
C GLU A 499 42.44 5.57 -9.26
N LYS A 500 42.36 5.39 -7.94
CA LYS A 500 43.42 4.72 -7.18
C LYS A 500 43.60 3.30 -7.62
N LEU A 501 42.57 2.77 -8.30
CA LEU A 501 42.59 1.39 -8.73
C LEU A 501 43.22 1.21 -10.11
N GLY A 502 43.43 2.31 -10.83
CA GLY A 502 44.07 2.26 -12.14
C GLY A 502 43.42 3.10 -13.24
N TRP A 503 42.13 3.39 -13.12
CA TRP A 503 41.48 4.17 -14.16
C TRP A 503 41.60 5.69 -14.11
N THR A 504 41.27 6.27 -15.25
CA THR A 504 41.32 7.68 -15.44
C THR A 504 39.93 8.20 -15.61
N LYS A 505 39.50 8.98 -14.63
CA LYS A 505 38.18 9.55 -14.68
C LYS A 505 38.15 10.78 -15.61
N ILE A 506 37.25 10.74 -16.57
CA ILE A 506 37.07 11.83 -17.50
C ILE A 506 35.61 12.28 -17.45
N LYS A 507 35.35 13.44 -16.84
CA LYS A 507 33.97 13.93 -16.69
C LYS A 507 33.75 15.43 -16.93
N THR A 508 32.74 15.76 -17.72
CA THR A 508 32.42 17.14 -17.95
C THR A 508 31.03 17.38 -17.45
N GLY A 509 30.73 18.60 -17.01
CA GLY A 509 29.39 18.92 -16.50
C GLY A 509 29.13 18.11 -15.22
N ASN A 510 27.91 18.14 -14.72
CA ASN A 510 27.62 17.42 -13.48
C ASN A 510 27.15 15.98 -13.69
N THR A 511 27.66 15.10 -12.81
CA THR A 511 27.26 13.69 -12.75
C THR A 511 27.33 13.23 -11.29
N MET A 512 27.11 11.94 -11.10
CA MET A 512 27.07 11.36 -9.78
C MET A 512 27.33 9.87 -10.03
N SER A 513 28.19 9.28 -9.22
CA SER A 513 28.53 7.88 -9.36
C SER A 513 28.76 7.29 -8.00
N LEU A 514 28.29 6.05 -7.82
CA LEU A 514 28.33 5.42 -6.53
C LEU A 514 28.47 3.93 -6.59
N TYR A 515 28.79 3.35 -5.46
CA TYR A 515 28.92 1.93 -5.41
C TYR A 515 27.64 1.30 -4.89
N GLY A 516 27.22 0.19 -5.53
CA GLY A 516 26.02 -0.67 -5.23
C GLY A 516 24.67 -0.01 -4.95
N ASN A 517 23.99 -0.49 -3.92
CA ASN A 517 22.75 0.11 -3.51
C ASN A 517 22.84 0.13 -2.00
N ALA A 518 22.50 1.27 -1.42
CA ALA A 518 22.69 1.43 -0.01
C ALA A 518 21.69 0.65 0.83
N SER A 519 20.42 0.64 0.38
CA SER A 519 19.37 -0.11 1.07
C SER A 519 18.12 -0.23 0.24
N VAL A 520 17.27 -1.18 0.64
CA VAL A 520 16.00 -1.47 0.00
C VAL A 520 15.03 -1.53 1.20
N ASN A 521 13.83 -0.99 1.02
CA ASN A 521 12.83 -0.98 2.09
C ASN A 521 11.49 -1.30 1.39
N PRO A 522 10.83 -2.40 1.78
CA PRO A 522 9.59 -2.84 1.15
C PRO A 522 8.46 -1.83 1.13
N GLY A 523 8.36 -1.04 2.20
CA GLY A 523 7.28 -0.05 2.29
C GLY A 523 6.23 -0.32 3.38
N PRO A 524 5.54 0.76 3.76
CA PRO A 524 4.55 0.74 4.84
C PRO A 524 3.30 -0.17 4.73
N GLY A 525 2.47 0.03 3.71
CA GLY A 525 1.24 -0.77 3.60
C GLY A 525 1.31 -2.24 3.08
N HIS A 526 0.25 -2.64 2.39
CA HIS A 526 0.20 -4.01 1.87
C HIS A 526 0.56 -4.09 0.38
N GLY A 527 0.77 -5.30 -0.12
CA GLY A 527 1.08 -5.48 -1.54
C GLY A 527 -0.13 -6.18 -2.19
N ILE A 528 -0.08 -6.35 -3.50
CA ILE A 528 -1.17 -7.00 -4.19
C ILE A 528 -0.72 -8.24 -4.96
N THR A 529 -1.66 -8.83 -5.68
CA THR A 529 -1.46 -10.00 -6.53
C THR A 529 -2.21 -9.59 -7.73
N LEU A 530 -1.59 -9.63 -8.89
CA LEU A 530 -2.28 -9.20 -10.09
C LEU A 530 -3.08 -10.32 -10.72
N THR A 531 -4.24 -9.95 -11.26
CA THR A 531 -5.22 -10.86 -11.85
C THR A 531 -5.77 -10.40 -13.20
N ARG A 532 -5.43 -9.19 -13.62
CA ARG A 532 -5.90 -8.67 -14.94
C ARG A 532 -4.73 -8.46 -15.95
N GLN A 533 -3.75 -9.33 -15.91
CA GLN A 533 -2.57 -9.14 -16.77
C GLN A 533 -2.58 -9.86 -18.11
N GLN A 534 -3.69 -10.51 -18.42
CA GLN A 534 -3.79 -11.31 -19.62
C GLN A 534 -3.65 -10.57 -20.92
N ASN A 535 -4.05 -9.32 -20.93
CA ASN A 535 -3.92 -8.55 -22.13
C ASN A 535 -2.89 -7.46 -21.94
N ILE A 536 -1.88 -7.77 -21.13
CA ILE A 536 -0.76 -6.86 -20.88
C ILE A 536 0.49 -7.58 -21.37
N SER A 537 1.36 -6.87 -22.06
CA SER A 537 2.52 -7.53 -22.61
C SER A 537 3.61 -7.94 -21.65
N GLY A 538 3.93 -9.24 -21.63
CA GLY A 538 5.04 -9.74 -20.83
C GLY A 538 4.82 -9.76 -19.31
N SER A 539 3.62 -9.40 -18.83
CA SER A 539 3.34 -9.56 -17.41
C SER A 539 2.48 -10.84 -17.31
N GLN A 540 2.22 -11.34 -16.11
CA GLN A 540 1.39 -12.53 -15.99
C GLN A 540 0.44 -12.49 -14.82
N ASN A 541 -0.59 -13.34 -14.85
CA ASN A 541 -1.53 -13.43 -13.75
C ASN A 541 -0.95 -14.21 -12.63
N GLY A 542 -1.20 -13.74 -11.42
CA GLY A 542 -0.67 -14.37 -10.23
C GLY A 542 0.58 -13.64 -9.76
N ARG A 543 0.95 -12.54 -10.40
CA ARG A 543 2.17 -11.86 -9.97
C ARG A 543 2.04 -11.24 -8.59
N LEU A 544 3.01 -11.52 -7.72
CA LEU A 544 3.01 -10.92 -6.38
C LEU A 544 3.85 -9.66 -6.50
N ILE A 545 3.27 -8.51 -6.20
CA ILE A 545 4.02 -7.26 -6.38
C ILE A 545 3.83 -6.19 -5.30
N TYR A 546 4.87 -5.38 -5.12
CA TYR A 546 4.86 -4.29 -4.16
C TYR A 546 5.94 -3.21 -4.43
N PRO A 547 5.55 -1.95 -4.25
CA PRO A 547 6.48 -0.84 -4.48
C PRO A 547 7.39 -0.62 -3.29
N ALA A 548 8.66 -0.98 -3.43
CA ALA A 548 9.65 -0.79 -2.34
C ALA A 548 10.40 0.52 -2.54
N ILE A 549 11.02 0.99 -1.45
CA ILE A 549 11.82 2.22 -1.47
C ILE A 549 13.35 1.92 -1.62
N VAL A 550 13.98 2.45 -2.66
CA VAL A 550 15.42 2.22 -2.82
C VAL A 550 16.16 3.44 -2.41
N LEU A 551 17.19 3.25 -1.63
CA LEU A 551 18.04 4.35 -1.26
C LEU A 551 19.36 4.07 -1.96
N ASP A 552 19.66 4.81 -3.04
CA ASP A 552 20.88 4.50 -3.75
C ASP A 552 22.11 4.81 -2.94
N ARG A 553 22.15 6.03 -2.44
CA ARG A 553 23.24 6.54 -1.60
C ARG A 553 22.65 7.77 -0.87
N PHE A 554 22.21 8.72 -1.67
CA PHE A 554 21.70 9.95 -1.15
C PHE A 554 20.23 10.15 -1.49
N PHE A 555 19.81 9.66 -2.64
CA PHE A 555 18.44 9.86 -3.06
C PHE A 555 17.56 8.63 -3.02
N LEU A 556 16.33 8.89 -2.58
CA LEU A 556 15.31 7.87 -2.42
C LEU A 556 14.38 7.88 -3.61
N ASN A 557 13.94 6.70 -4.00
CA ASN A 557 12.99 6.54 -5.09
C ASN A 557 12.29 5.22 -4.84
N VAL A 558 11.40 4.81 -5.76
CA VAL A 558 10.68 3.57 -5.60
C VAL A 558 10.76 2.64 -6.81
N MET A 559 10.73 1.36 -6.54
CA MET A 559 10.73 0.39 -7.58
C MET A 559 9.89 -0.80 -7.17
N SER A 560 9.53 -1.61 -8.15
CA SER A 560 8.80 -2.80 -7.87
C SER A 560 9.74 -3.95 -7.55
N ILE A 561 9.29 -4.82 -6.67
CA ILE A 561 10.01 -6.03 -6.32
C ILE A 561 8.90 -7.03 -6.56
N TYR A 562 9.02 -7.91 -7.55
CA TYR A 562 7.93 -8.86 -7.85
C TYR A 562 8.34 -10.31 -8.02
N SER A 563 7.30 -11.13 -8.06
CA SER A 563 7.40 -12.59 -8.13
C SER A 563 6.36 -13.16 -9.08
N ASP A 564 6.84 -13.77 -10.16
CA ASP A 564 5.95 -14.42 -11.10
C ASP A 564 6.04 -15.89 -10.76
N ASP A 565 6.80 -16.16 -9.71
CA ASP A 565 7.13 -17.49 -9.29
C ASP A 565 6.24 -17.91 -8.18
N GLY A 566 5.35 -17.02 -7.79
CA GLY A 566 4.49 -17.33 -6.69
C GLY A 566 5.20 -16.93 -5.41
N GLY A 567 6.43 -16.43 -5.51
CA GLY A 567 7.07 -15.99 -4.29
C GLY A 567 8.42 -16.57 -3.92
N SER A 568 8.79 -17.72 -4.46
CA SER A 568 10.10 -18.29 -4.13
C SER A 568 11.23 -17.43 -4.75
N ASN A 569 10.97 -16.83 -5.90
CA ASN A 569 12.02 -16.07 -6.58
C ASN A 569 11.58 -14.67 -6.86
N TRP A 570 12.45 -13.73 -6.57
CA TRP A 570 12.07 -12.36 -6.73
C TRP A 570 12.81 -11.52 -7.77
N GLN A 571 12.10 -10.54 -8.32
CA GLN A 571 12.65 -9.63 -9.31
C GLN A 571 12.60 -8.19 -8.85
N THR A 572 13.14 -7.32 -9.69
CA THR A 572 13.17 -5.90 -9.42
C THR A 572 12.90 -5.16 -10.74
N GLY A 573 12.09 -4.12 -10.67
CA GLY A 573 11.79 -3.30 -11.87
C GLY A 573 12.59 -1.99 -11.85
N SER A 574 12.36 -1.14 -12.86
CA SER A 574 13.05 0.15 -12.95
C SER A 574 12.52 1.10 -11.89
N THR A 575 13.17 2.27 -11.74
CA THR A 575 12.77 3.25 -10.73
C THR A 575 11.88 4.29 -11.35
N LEU A 576 11.20 5.07 -10.50
CA LEU A 576 10.30 6.11 -10.96
C LEU A 576 11.06 7.22 -11.71
N PRO A 577 10.50 7.72 -12.82
CA PRO A 577 11.16 8.80 -13.57
C PRO A 577 10.91 10.15 -12.89
N ILE A 578 11.99 10.76 -12.41
CA ILE A 578 11.89 12.05 -11.72
C ILE A 578 12.56 13.21 -12.49
N PRO A 579 11.93 14.37 -12.51
CA PRO A 579 12.51 15.55 -13.19
C PRO A 579 13.66 16.13 -12.38
N PHE A 580 14.84 16.20 -12.98
CA PHE A 580 15.98 16.73 -12.27
C PHE A 580 16.47 18.10 -12.80
N ARG A 581 17.25 18.79 -11.97
CA ARG A 581 17.81 20.11 -12.33
C ARG A 581 18.96 20.47 -11.36
N TRP A 582 20.08 20.97 -11.88
CA TRP A 582 21.20 21.34 -11.00
C TRP A 582 21.12 22.82 -10.69
N LYS A 583 20.79 23.15 -9.45
CA LYS A 583 20.63 24.55 -9.08
C LYS A 583 22.00 25.19 -9.09
N SER A 584 23.01 24.35 -9.00
CA SER A 584 24.37 24.82 -8.99
C SER A 584 25.22 23.58 -9.01
N SER A 585 26.54 23.78 -9.10
CA SER A 585 27.50 22.68 -9.11
C SER A 585 27.45 21.97 -7.76
N SER A 586 27.16 20.66 -7.82
CA SER A 586 27.07 19.82 -6.63
C SER A 586 25.82 20.14 -5.86
N ILE A 587 24.83 20.70 -6.52
CA ILE A 587 23.58 21.01 -5.87
C ILE A 587 22.38 20.61 -6.73
N LEU A 588 21.95 19.36 -6.55
CA LEU A 588 20.89 18.80 -7.35
C LEU A 588 19.49 18.95 -6.83
N GLU A 589 18.56 19.25 -7.73
CA GLU A 589 17.15 19.41 -7.38
C GLU A 589 16.24 18.36 -8.08
N THR A 590 15.69 17.43 -7.30
CA THR A 590 14.78 16.38 -7.78
C THR A 590 13.84 16.03 -6.66
N LEU A 591 12.88 15.16 -6.97
CA LEU A 591 11.93 14.66 -5.98
C LEU A 591 12.50 13.38 -5.42
N GLU A 592 11.86 12.86 -4.39
CA GLU A 592 12.33 11.64 -3.79
C GLU A 592 11.09 10.88 -3.36
N PRO A 593 10.50 10.11 -4.27
CA PRO A 593 9.23 9.34 -4.01
C PRO A 593 9.53 8.28 -2.99
N SER A 594 8.74 8.20 -1.93
CA SER A 594 9.05 7.24 -0.87
C SER A 594 7.95 6.22 -0.57
N GLU A 595 7.24 6.43 0.52
CA GLU A 595 6.17 5.56 0.88
C GLU A 595 5.17 5.55 -0.29
N ALA A 596 4.88 4.36 -0.78
CA ALA A 596 4.09 4.17 -2.00
C ALA A 596 3.09 3.01 -1.87
N ASP A 597 2.02 3.07 -2.67
CA ASP A 597 0.93 2.06 -2.65
C ASP A 597 0.33 1.95 -4.07
N MET A 598 -0.03 0.72 -4.47
CA MET A 598 -0.58 0.47 -5.79
C MET A 598 -1.84 -0.37 -5.83
N VAL A 599 -2.66 -0.10 -6.84
CA VAL A 599 -3.90 -0.81 -7.09
C VAL A 599 -3.87 -1.29 -8.54
N GLU A 600 -4.22 -2.54 -8.78
CA GLU A 600 -4.35 -3.00 -10.13
C GLU A 600 -5.67 -2.45 -10.70
N LEU A 601 -5.64 -1.67 -11.79
CA LEU A 601 -6.90 -1.15 -12.37
C LEU A 601 -7.53 -2.17 -13.26
N GLN A 602 -8.80 -1.93 -13.58
CA GLN A 602 -9.58 -2.84 -14.41
C GLN A 602 -8.88 -3.38 -15.67
N ASN A 603 -8.23 -2.51 -16.43
CA ASN A 603 -7.64 -2.94 -17.68
C ASN A 603 -6.29 -3.63 -17.52
N GLY A 604 -5.76 -3.63 -16.32
CA GLY A 604 -4.49 -4.28 -16.11
C GLY A 604 -3.43 -3.28 -15.76
N ASP A 605 -3.61 -2.04 -16.18
CA ASP A 605 -2.64 -1.02 -15.82
C ASP A 605 -2.44 -0.94 -14.26
N LEU A 606 -1.26 -0.47 -13.84
CA LEU A 606 -0.94 -0.30 -12.42
C LEU A 606 -0.94 1.16 -11.98
N LEU A 607 -1.67 1.44 -10.90
CA LEU A 607 -1.79 2.81 -10.40
C LEU A 607 -1.09 3.00 -9.07
N LEU A 608 -0.13 3.94 -9.03
CA LEU A 608 0.68 4.15 -7.82
C LEU A 608 0.58 5.53 -7.16
N THR A 609 0.42 5.53 -5.84
CA THR A 609 0.39 6.77 -5.04
C THR A 609 1.66 6.73 -4.27
N ALA A 610 2.44 7.79 -4.37
CA ALA A 610 3.71 7.86 -3.68
C ALA A 610 3.83 9.14 -2.89
N ARG A 611 4.44 9.03 -1.71
CA ARG A 611 4.67 10.20 -0.91
C ARG A 611 6.03 10.89 -1.32
N LEU A 612 6.00 12.21 -1.47
CA LEU A 612 7.20 13.03 -1.83
C LEU A 612 7.91 13.51 -0.59
N ASP A 613 9.04 12.87 -0.30
CA ASP A 613 9.75 13.06 0.94
C ASP A 613 10.66 14.23 1.37
N PHE A 614 11.50 14.80 0.48
CA PHE A 614 12.34 15.90 0.99
C PHE A 614 12.16 17.29 0.43
N ASN A 615 11.86 17.34 -0.87
CA ASN A 615 11.68 18.61 -1.56
C ASN A 615 10.71 18.29 -2.71
N GLN A 616 9.60 19.02 -2.79
CA GLN A 616 8.53 18.76 -3.75
C GLN A 616 8.38 19.66 -4.95
N ILE A 617 9.26 20.63 -5.05
CA ILE A 617 9.19 21.51 -6.18
C ILE A 617 10.52 21.43 -7.02
N VAL A 618 10.41 21.19 -8.32
CA VAL A 618 11.58 21.13 -9.20
C VAL A 618 11.37 22.00 -10.44
N ASN A 619 12.30 22.93 -10.69
CA ASN A 619 12.23 23.90 -11.79
C ASN A 619 11.04 24.87 -11.62
N GLY A 620 10.75 25.20 -10.38
CA GLY A 620 9.63 26.07 -10.10
C GLY A 620 8.30 25.30 -10.22
N VAL A 621 8.32 24.07 -10.73
CA VAL A 621 7.07 23.30 -10.85
C VAL A 621 6.78 22.46 -9.61
N ASN A 622 5.83 22.93 -8.82
CA ASN A 622 5.49 22.28 -7.58
C ASN A 622 4.85 20.92 -7.72
N TYR A 623 5.34 19.98 -6.91
CA TYR A 623 4.76 18.64 -6.84
C TYR A 623 4.22 18.55 -5.41
N SER A 624 2.97 18.19 -5.29
CA SER A 624 2.34 18.20 -3.99
C SER A 624 3.17 17.43 -2.98
N PRO A 625 2.55 16.93 -1.94
CA PRO A 625 3.34 16.12 -1.05
C PRO A 625 3.10 14.68 -1.55
N ARG A 626 2.42 14.57 -2.68
CA ARG A 626 2.10 13.27 -3.20
C ARG A 626 1.92 13.21 -4.72
N GLN A 627 2.38 12.12 -5.34
CA GLN A 627 2.23 11.95 -6.76
C GLN A 627 1.78 10.56 -7.19
N GLN A 628 1.10 10.51 -8.31
CA GLN A 628 0.64 9.26 -8.82
C GLN A 628 1.43 8.91 -10.06
N PHE A 629 1.66 7.64 -10.23
CA PHE A 629 2.39 7.16 -11.38
C PHE A 629 1.64 6.01 -11.94
N LEU A 630 1.80 5.77 -13.23
CA LEU A 630 1.09 4.67 -13.87
C LEU A 630 2.02 3.73 -14.63
N SER A 631 1.72 2.44 -14.59
CA SER A 631 2.53 1.44 -15.25
C SER A 631 1.60 0.61 -16.15
N LYS A 632 1.94 0.50 -17.44
CA LYS A 632 1.13 -0.23 -18.40
C LYS A 632 1.79 -1.55 -18.69
N ASP A 633 2.83 -1.87 -17.94
CA ASP A 633 3.51 -3.15 -18.21
C ASP A 633 3.72 -4.09 -17.03
N GLY A 634 2.82 -4.03 -16.05
CA GLY A 634 2.88 -4.92 -14.91
C GLY A 634 3.86 -4.44 -13.87
N GLY A 635 4.15 -3.16 -13.89
CA GLY A 635 5.01 -2.61 -12.87
C GLY A 635 6.50 -2.66 -13.14
N ILE A 636 6.87 -2.80 -14.41
CA ILE A 636 8.28 -2.78 -14.77
C ILE A 636 8.76 -1.31 -14.83
N THR A 637 8.11 -0.49 -15.64
CA THR A 637 8.47 0.90 -15.68
C THR A 637 7.23 1.68 -15.52
N TRP A 638 7.40 2.91 -15.06
CA TRP A 638 6.31 3.78 -14.81
C TRP A 638 6.33 5.01 -15.63
N SER A 639 5.24 5.76 -15.55
CA SER A 639 5.16 7.02 -16.23
C SER A 639 4.39 7.92 -15.32
N LEU A 640 4.91 9.12 -15.17
CA LEU A 640 4.32 10.06 -14.25
C LEU A 640 2.96 10.56 -14.67
N LEU A 641 2.07 10.74 -13.72
CA LEU A 641 0.76 11.24 -14.07
C LEU A 641 0.75 12.71 -13.84
N GLU A 642 1.04 13.43 -14.90
CA GLU A 642 1.14 14.85 -14.81
C GLU A 642 -0.13 15.41 -14.25
N ALA A 643 -0.01 16.17 -13.16
CA ALA A 643 -1.11 16.83 -12.50
C ALA A 643 -2.05 15.90 -11.79
N ASN A 644 -1.53 14.74 -11.41
CA ASN A 644 -2.27 13.75 -10.61
C ASN A 644 -1.47 13.49 -9.35
N ASN A 645 -1.64 14.42 -8.42
CA ASN A 645 -0.88 14.46 -7.19
C ASN A 645 -1.89 14.80 -6.13
N ALA A 646 -1.41 15.34 -5.00
CA ALA A 646 -2.28 15.71 -3.89
C ALA A 646 -3.61 16.34 -4.27
N ASN A 647 -3.54 17.39 -5.08
CA ASN A 647 -4.71 18.16 -5.50
C ASN A 647 -5.82 17.33 -6.02
N VAL A 648 -5.52 16.08 -6.29
CA VAL A 648 -6.54 15.23 -6.87
C VAL A 648 -7.54 14.87 -5.80
N PHE A 649 -7.12 14.99 -4.55
CA PHE A 649 -7.97 14.69 -3.38
C PHE A 649 -8.48 15.95 -2.67
N SER A 650 -9.74 16.35 -2.90
CA SER A 650 -10.30 17.52 -2.19
C SER A 650 -10.14 17.33 -0.69
N ASN A 651 -9.70 18.39 -0.02
CA ASN A 651 -9.58 18.38 1.43
C ASN A 651 -8.53 17.48 2.03
N ILE A 652 -7.63 16.98 1.20
CA ILE A 652 -6.57 16.17 1.77
C ILE A 652 -5.60 17.06 2.56
N SER A 653 -4.83 16.43 3.42
CA SER A 653 -3.85 17.13 4.23
C SER A 653 -2.58 17.52 3.42
N THR A 654 -2.10 18.74 3.58
CA THR A 654 -0.94 19.18 2.87
C THR A 654 0.33 18.67 3.57
N GLY A 655 0.17 17.92 4.66
CA GLY A 655 1.37 17.42 5.34
C GLY A 655 1.87 16.25 4.50
N THR A 656 3.07 15.75 4.77
CA THR A 656 3.58 14.58 4.06
C THR A 656 3.35 13.41 4.96
N VAL A 657 2.63 12.42 4.45
CA VAL A 657 2.25 11.25 5.23
C VAL A 657 2.14 10.00 4.41
N ASP A 658 1.95 8.87 5.07
CA ASP A 658 1.70 7.65 4.34
C ASP A 658 0.17 7.50 4.20
N ALA A 659 -0.29 7.09 3.02
CA ALA A 659 -1.73 6.89 2.80
C ALA A 659 -1.86 5.44 2.43
N SER A 660 -3.04 5.08 1.91
CA SER A 660 -3.32 3.73 1.45
C SER A 660 -4.33 3.75 0.30
N ILE A 661 -4.27 2.74 -0.59
CA ILE A 661 -5.24 2.66 -1.69
C ILE A 661 -5.62 1.17 -1.93
N THR A 662 -6.87 0.87 -2.27
CA THR A 662 -7.27 -0.52 -2.57
C THR A 662 -8.45 -0.63 -3.53
N ARG A 663 -8.75 -1.87 -3.92
CA ARG A 663 -9.83 -2.12 -4.82
C ARG A 663 -10.97 -2.68 -4.03
N PHE A 664 -12.18 -2.22 -4.29
CA PHE A 664 -13.30 -2.78 -3.59
C PHE A 664 -14.18 -3.47 -4.59
N GLU A 665 -14.41 -4.73 -4.32
CA GLU A 665 -15.15 -5.60 -5.23
C GLU A 665 -16.55 -5.99 -4.79
N GLN A 666 -17.59 -5.45 -5.45
CA GLN A 666 -19.00 -5.76 -5.13
C GLN A 666 -19.53 -7.08 -5.72
N SER A 667 -20.27 -7.82 -4.90
CA SER A 667 -20.81 -9.11 -5.30
C SER A 667 -21.56 -9.03 -6.60
N ASP A 668 -22.21 -7.90 -6.81
CA ASP A 668 -23.01 -7.68 -8.00
C ASP A 668 -22.15 -7.55 -9.26
N GLY A 669 -20.86 -7.36 -9.08
CA GLY A 669 -19.97 -7.22 -10.21
C GLY A 669 -19.15 -5.94 -10.19
N SER A 670 -19.77 -4.84 -9.77
CA SER A 670 -19.07 -3.56 -9.77
C SER A 670 -17.85 -3.43 -8.80
N HIS A 671 -16.97 -2.46 -9.11
CA HIS A 671 -15.76 -2.21 -8.30
C HIS A 671 -15.34 -0.74 -8.26
N PHE A 672 -14.42 -0.43 -7.35
CA PHE A 672 -13.88 0.93 -7.25
C PHE A 672 -12.71 0.93 -6.32
N LEU A 673 -12.11 2.10 -6.15
CA LEU A 673 -10.98 2.19 -5.23
C LEU A 673 -11.29 3.01 -4.00
N LEU A 674 -10.69 2.57 -2.91
CA LEU A 674 -10.82 3.22 -1.62
C LEU A 674 -9.45 3.84 -1.29
N PHE A 675 -9.47 5.05 -0.75
CA PHE A 675 -8.23 5.77 -0.47
C PHE A 675 -8.26 6.50 0.90
N THR A 676 -7.28 6.21 1.74
CA THR A 676 -7.25 6.83 3.05
C THR A 676 -6.05 7.72 3.29
N ASN A 677 -6.27 8.76 4.10
CA ASN A 677 -5.27 9.79 4.40
C ASN A 677 -5.90 10.86 5.33
N PRO A 678 -5.10 11.50 6.16
CA PRO A 678 -5.62 12.55 7.04
C PRO A 678 -6.05 13.76 6.21
N GLN A 679 -6.82 14.65 6.85
CA GLN A 679 -7.28 15.88 6.19
C GLN A 679 -6.71 17.15 6.83
N GLY A 680 -6.36 17.05 8.12
CA GLY A 680 -6.01 18.23 8.92
C GLY A 680 -7.32 18.71 9.63
N ASN A 681 -7.19 19.44 10.74
CA ASN A 681 -8.40 19.88 11.44
C ASN A 681 -9.28 20.92 10.78
N PRO A 682 -8.68 21.74 9.92
CA PRO A 682 -9.44 22.68 9.13
C PRO A 682 -9.14 22.30 7.69
N ALA A 683 -9.94 22.87 6.80
CA ALA A 683 -9.87 22.66 5.36
C ALA A 683 -8.47 22.35 4.88
N GLY A 684 -8.27 21.14 4.35
CA GLY A 684 -6.99 20.68 3.84
C GLY A 684 -5.78 21.39 4.47
N THR A 685 -5.35 20.89 5.62
CA THR A 685 -4.24 21.52 6.32
C THR A 685 -3.05 20.58 6.48
N ASN A 686 -1.96 21.15 6.97
CA ASN A 686 -0.74 20.43 7.25
C ASN A 686 -0.87 19.88 8.67
N GLY A 687 -1.71 18.86 8.85
CA GLY A 687 -1.91 18.29 10.18
C GLY A 687 -2.48 16.89 10.13
N ARG A 688 -1.90 15.98 10.93
CA ARG A 688 -2.32 14.59 10.93
C ARG A 688 -3.60 14.37 11.76
N GLN A 689 -4.71 14.93 11.28
CA GLN A 689 -5.98 14.85 11.97
C GLN A 689 -7.09 14.51 11.04
N ASN A 690 -8.12 13.86 11.58
CA ASN A 690 -9.33 13.50 10.86
C ASN A 690 -9.11 12.72 9.56
N LEU A 691 -8.67 11.47 9.70
CA LEU A 691 -8.47 10.60 8.56
C LEU A 691 -9.71 10.63 7.72
N GLY A 692 -9.53 10.68 6.41
CA GLY A 692 -10.68 10.69 5.51
C GLY A 692 -10.63 9.48 4.58
N LEU A 693 -11.64 9.37 3.72
CA LEU A 693 -11.69 8.31 2.75
C LEU A 693 -12.34 8.77 1.46
N TRP A 694 -11.59 8.69 0.36
CA TRP A 694 -12.09 9.04 -0.95
C TRP A 694 -12.30 7.75 -1.69
N PHE A 695 -13.06 7.85 -2.76
CA PHE A 695 -13.38 6.73 -3.60
C PHE A 695 -13.09 7.28 -4.95
N SER A 696 -13.03 6.40 -5.92
CA SER A 696 -12.87 6.82 -7.29
C SER A 696 -13.60 5.79 -8.14
N PHE A 697 -14.58 6.29 -8.87
CA PHE A 697 -15.40 5.48 -9.72
C PHE A 697 -14.94 5.40 -11.19
N ASP A 698 -13.98 6.26 -11.55
CA ASP A 698 -13.50 6.32 -12.93
C ASP A 698 -12.07 5.85 -13.12
N GLU A 699 -11.67 4.95 -12.26
CA GLU A 699 -10.36 4.39 -12.37
C GLU A 699 -9.23 5.37 -12.12
N GLY A 700 -9.34 6.06 -10.99
CA GLY A 700 -8.35 6.99 -10.54
C GLY A 700 -8.13 8.21 -11.42
N VAL A 701 -9.11 8.59 -12.22
CA VAL A 701 -8.87 9.79 -13.02
C VAL A 701 -9.22 10.87 -12.05
N THR A 702 -10.35 10.69 -11.39
CA THR A 702 -10.80 11.62 -10.35
C THR A 702 -11.11 10.84 -9.12
N TRP A 703 -11.56 11.55 -8.11
CA TRP A 703 -11.92 10.99 -6.82
C TRP A 703 -13.08 11.77 -6.29
N LYS A 704 -13.84 11.18 -5.37
CA LYS A 704 -15.00 11.87 -4.81
C LYS A 704 -14.90 12.20 -3.30
N GLY A 705 -15.02 13.49 -3.00
CA GLY A 705 -14.90 14.08 -1.66
C GLY A 705 -14.60 13.14 -0.48
N PRO A 706 -13.80 13.64 0.46
CA PRO A 706 -13.43 12.83 1.59
C PRO A 706 -14.57 12.73 2.59
N ILE A 707 -14.93 11.48 2.88
CA ILE A 707 -15.93 11.18 3.91
C ILE A 707 -15.06 11.04 5.18
N GLN A 708 -15.33 11.82 6.23
CA GLN A 708 -14.52 11.76 7.49
C GLN A 708 -14.77 10.50 8.31
N LEU A 709 -13.69 9.86 8.77
CA LEU A 709 -13.80 8.61 9.55
C LEU A 709 -13.43 8.76 10.96
N VAL A 710 -12.76 9.86 11.28
CA VAL A 710 -12.24 10.02 12.65
C VAL A 710 -12.26 11.46 13.08
N ASN A 711 -12.40 11.72 14.39
CA ASN A 711 -12.32 13.10 14.88
C ASN A 711 -11.17 13.02 15.82
N GLY A 712 -10.01 13.53 15.38
CA GLY A 712 -8.77 13.51 16.19
C GLY A 712 -7.48 13.06 15.44
N ALA A 713 -6.52 12.53 16.19
CA ALA A 713 -5.25 12.09 15.62
C ALA A 713 -5.44 11.04 14.55
N SER A 714 -4.92 11.30 13.36
CA SER A 714 -4.98 10.34 12.27
C SER A 714 -3.65 10.36 11.54
N ALA A 715 -2.97 9.21 11.48
CA ALA A 715 -1.66 9.17 10.79
C ALA A 715 -1.54 8.16 9.65
N TYR A 716 -0.65 7.18 9.80
CA TYR A 716 -0.50 6.20 8.74
C TYR A 716 -1.74 5.34 8.76
N SER A 717 -2.21 4.92 7.59
CA SER A 717 -3.41 4.07 7.53
C SER A 717 -3.35 3.07 6.43
N ASP A 718 -4.18 2.05 6.57
CA ASP A 718 -4.23 1.03 5.57
C ASP A 718 -5.62 0.45 5.49
N ILE A 719 -6.10 0.27 4.28
CA ILE A 719 -7.43 -0.28 4.06
C ILE A 719 -7.49 -1.49 3.13
N TYR A 720 -8.39 -2.41 3.43
CA TYR A 720 -8.46 -3.62 2.67
C TYR A 720 -9.87 -4.17 2.84
N GLN A 721 -10.47 -4.63 1.74
CA GLN A 721 -11.82 -5.21 1.78
C GLN A 721 -11.95 -6.43 2.66
N LEU A 722 -12.85 -6.36 3.63
CA LEU A 722 -13.06 -7.46 4.56
C LEU A 722 -13.97 -8.53 3.97
N ASP A 723 -15.04 -8.10 3.32
CA ASP A 723 -16.02 -8.96 2.66
C ASP A 723 -16.87 -8.07 1.77
N SER A 724 -17.79 -8.71 1.04
CA SER A 724 -18.73 -8.10 0.08
C SER A 724 -19.33 -6.72 0.39
N GLU A 725 -19.41 -6.37 1.66
CA GLU A 725 -19.96 -5.10 2.00
C GLU A 725 -19.03 -4.31 2.89
N ASN A 726 -17.98 -4.96 3.40
CA ASN A 726 -17.07 -4.25 4.28
C ASN A 726 -15.59 -4.08 3.93
N ALA A 727 -15.05 -2.99 4.47
CA ALA A 727 -13.64 -2.68 4.38
C ALA A 727 -13.18 -2.45 5.80
N ILE A 728 -12.20 -3.22 6.21
CA ILE A 728 -11.67 -3.04 7.51
C ILE A 728 -10.61 -1.97 7.34
N VAL A 729 -10.40 -1.19 8.40
CA VAL A 729 -9.45 -0.10 8.36
C VAL A 729 -8.59 -0.06 9.60
N ILE A 730 -7.30 0.20 9.39
CA ILE A 730 -6.35 0.25 10.52
C ILE A 730 -5.53 1.53 10.40
N VAL A 731 -5.57 2.34 11.49
CA VAL A 731 -4.91 3.66 11.58
C VAL A 731 -4.20 3.91 12.86
N GLU A 732 -3.43 5.00 12.87
CA GLU A 732 -2.71 5.46 14.09
C GLU A 732 -3.41 6.71 14.53
N THR A 733 -3.64 6.82 15.83
CA THR A 733 -4.39 7.93 16.34
C THR A 733 -3.77 8.51 17.57
N ASP A 734 -4.44 8.39 18.71
CA ASP A 734 -3.84 8.95 19.89
C ASP A 734 -2.53 8.28 20.29
N ASN A 735 -1.50 9.11 20.48
CA ASN A 735 -0.17 8.64 20.91
C ASN A 735 0.24 7.55 19.93
N SER A 736 -0.21 7.67 18.67
CA SER A 736 0.11 6.69 17.61
C SER A 736 -0.59 5.34 17.77
N ASN A 737 -1.34 5.14 18.85
CA ASN A 737 -2.10 3.88 19.04
C ASN A 737 -2.82 3.51 17.72
N MET A 738 -2.79 2.24 17.33
CA MET A 738 -3.43 1.81 16.06
C MET A 738 -4.81 1.17 16.28
N ARG A 739 -5.84 1.84 15.76
CA ARG A 739 -7.23 1.41 15.94
C ARG A 739 -7.80 0.78 14.70
N ILE A 740 -8.88 -0.01 14.89
CA ILE A 740 -9.54 -0.73 13.81
C ILE A 740 -10.92 -0.12 13.48
N LEU A 741 -11.23 0.01 12.18
CA LEU A 741 -12.54 0.48 11.78
C LEU A 741 -13.11 -0.51 10.81
N ARG A 742 -14.38 -0.83 11.04
CA ARG A 742 -15.14 -1.74 10.19
C ARG A 742 -16.16 -0.96 9.33
N MET A 743 -15.70 -0.40 8.22
CA MET A 743 -16.56 0.36 7.36
C MET A 743 -17.44 -0.41 6.38
N PRO A 744 -18.68 0.04 6.31
CA PRO A 744 -19.69 -0.46 5.41
C PRO A 744 -19.67 0.43 4.15
N ILE A 745 -18.79 0.06 3.24
CA ILE A 745 -18.55 0.79 2.00
C ILE A 745 -19.74 0.85 1.08
N THR A 746 -20.52 -0.21 1.12
CA THR A 746 -21.70 -0.33 0.32
C THR A 746 -22.74 0.77 0.72
N LEU A 747 -22.96 0.98 2.02
CA LEU A 747 -23.87 2.00 2.51
C LEU A 747 -23.28 3.44 2.33
N LEU A 748 -22.06 3.62 2.80
CA LEU A 748 -21.38 4.91 2.70
C LEU A 748 -21.23 5.36 1.26
N LYS A 749 -21.06 4.42 0.36
CA LYS A 749 -20.92 4.79 -1.01
C LYS A 749 -22.11 5.69 -1.36
N GLN A 750 -23.32 5.24 -1.01
CA GLN A 750 -24.55 5.99 -1.32
C GLN A 750 -24.63 7.46 -0.95
N LYS A 751 -23.83 7.89 0.03
CA LYS A 751 -23.79 9.31 0.42
C LYS A 751 -23.21 10.14 -0.71
N LEU A 752 -22.70 9.47 -1.75
CA LEU A 752 -22.06 10.12 -2.90
C LEU A 752 -22.72 9.92 -4.29
N THR A 753 -23.47 8.84 -4.45
CA THR A 753 -24.08 8.46 -5.74
C THR A 753 -25.45 9.05 -6.10
N LEU A 754 -26.14 9.65 -5.11
CA LEU A 754 -27.48 10.26 -5.34
C LEU A 754 -27.47 11.71 -5.84
N SER A 755 -28.37 11.99 -6.77
CA SER A 755 -28.53 13.34 -7.32
C SER A 755 -29.93 13.84 -6.98
N GLN A 756 -29.99 14.93 -6.22
CA GLN A 756 -31.26 15.51 -5.81
C GLN A 756 -31.33 17.00 -6.10
N ASN A 757 -32.53 17.48 -6.39
CA ASN A 757 -32.76 18.89 -6.67
C ASN A 757 -34.10 19.33 -6.08
CA CA B . 17.76 0.40 16.77
CA CA C . 0.92 3.11 2.59
#